data_1GD8
#
_entry.id   1GD8
#
_cell.length_a   109.239
_cell.length_b   109.239
_cell.length_c   128.841
_cell.angle_alpha   90.00
_cell.angle_beta   90.00
_cell.angle_gamma   90.00
#
_symmetry.space_group_name_H-M   'P 41'
#
loop_
_entity.id
_entity.type
_entity.pdbx_description
1 polymer '50S RIBOSOMAL PROTEIN L17'
2 water water
#
_entity_poly.entity_id   1
_entity_poly.type   'polypeptide(L)'
_entity_poly.pdbx_seq_one_letter_code
;MRHLKSGRKLNRHSSHRLALYRNQAKSLLTHGRITTTVPKAKELRGFVDHLIHLAKRGDLHARRLVLRDLQDVKLVRKLF
DEIAPRYRDRQGGYTRVLKLAERRRGDGAPLALVELVE
;
_entity_poly.pdbx_strand_id   A,B,C,D,E,F,G,H,I
#
# COMPACT_ATOMS: atom_id res chain seq x y z
N SER A 14 15.74 -3.98 20.22
CA SER A 14 16.34 -5.10 19.42
C SER A 14 15.63 -6.42 19.68
N SER A 15 16.09 -7.16 20.69
CA SER A 15 15.47 -8.43 21.06
C SER A 15 14.12 -8.12 21.73
N HIS A 16 14.03 -6.92 22.32
CA HIS A 16 12.81 -6.42 22.99
C HIS A 16 11.74 -6.15 21.94
N ARG A 17 12.17 -5.56 20.83
CA ARG A 17 11.28 -5.22 19.72
C ARG A 17 10.69 -6.46 19.08
N LEU A 18 11.55 -7.40 18.69
CA LEU A 18 11.12 -8.63 18.05
C LEU A 18 10.13 -9.42 18.92
N ALA A 19 10.35 -9.40 20.24
CA ALA A 19 9.46 -10.09 21.19
C ALA A 19 8.07 -9.48 21.09
N LEU A 20 8.04 -8.16 20.95
CA LEU A 20 6.80 -7.39 20.83
C LEU A 20 6.11 -7.72 19.51
N TYR A 21 6.87 -7.58 18.43
CA TYR A 21 6.39 -7.87 17.07
C TYR A 21 5.71 -9.22 17.04
N ARG A 22 6.40 -10.21 17.60
CA ARG A 22 5.90 -11.57 17.66
C ARG A 22 4.58 -11.64 18.43
N ASN A 23 4.53 -10.97 19.57
CA ASN A 23 3.32 -10.91 20.41
C ASN A 23 2.17 -10.22 19.66
N GLN A 24 2.47 -9.09 19.01
CA GLN A 24 1.48 -8.32 18.26
C GLN A 24 0.98 -9.07 17.04
N ALA A 25 1.91 -9.67 16.30
CA ALA A 25 1.56 -10.42 15.10
C ALA A 25 0.64 -11.60 15.43
N LYS A 26 0.88 -12.26 16.55
CA LYS A 26 0.07 -13.40 16.97
C LYS A 26 -1.40 -12.99 17.07
N SER A 27 -1.66 -11.96 17.87
CA SER A 27 -3.00 -11.45 18.08
C SER A 27 -3.62 -10.96 16.78
N LEU A 28 -2.80 -10.36 15.93
CA LEU A 28 -3.25 -9.83 14.65
C LEU A 28 -3.71 -10.96 13.73
N LEU A 29 -2.94 -12.05 13.66
CA LEU A 29 -3.32 -13.17 12.80
C LEU A 29 -4.48 -13.96 13.39
N THR A 30 -4.68 -13.87 14.70
CA THR A 30 -5.76 -14.59 15.33
C THR A 30 -7.10 -13.87 15.27
N HIS A 31 -7.13 -12.63 15.74
CA HIS A 31 -8.35 -11.84 15.77
C HIS A 31 -8.53 -11.00 14.51
N GLY A 32 -7.42 -10.74 13.82
CA GLY A 32 -7.50 -9.96 12.60
C GLY A 32 -7.21 -8.48 12.71
N ARG A 33 -7.07 -8.00 13.94
CA ARG A 33 -6.76 -6.58 14.19
C ARG A 33 -6.07 -6.36 15.53
N ILE A 34 -5.34 -5.24 15.62
CA ILE A 34 -4.58 -4.88 16.80
C ILE A 34 -4.56 -3.35 16.86
N THR A 35 -4.35 -2.81 18.05
CA THR A 35 -4.27 -1.37 18.18
C THR A 35 -3.06 -1.02 19.07
N THR A 36 -2.25 -0.08 18.60
CA THR A 36 -1.07 0.37 19.34
C THR A 36 -0.80 1.81 19.00
N THR A 37 0.40 2.26 19.29
CA THR A 37 0.78 3.60 18.97
C THR A 37 1.06 3.67 17.47
N VAL A 38 1.08 4.87 16.92
CA VAL A 38 1.32 5.03 15.49
C VAL A 38 2.66 4.42 15.10
N PRO A 39 3.73 4.76 15.83
CA PRO A 39 5.06 4.22 15.54
C PRO A 39 5.09 2.68 15.60
N LYS A 40 4.66 2.10 16.72
CA LYS A 40 4.64 0.65 16.87
C LYS A 40 3.81 -0.01 15.77
N ALA A 41 2.80 0.70 15.28
CA ALA A 41 1.91 0.21 14.21
C ALA A 41 2.67 0.13 12.87
N LYS A 42 3.50 1.12 12.61
CA LYS A 42 4.29 1.13 11.38
C LYS A 42 5.30 0.00 11.39
N GLU A 43 5.99 -0.15 12.51
CA GLU A 43 7.01 -1.20 12.67
C GLU A 43 6.41 -2.59 12.49
N LEU A 44 5.21 -2.76 13.01
CA LEU A 44 4.48 -4.02 12.96
C LEU A 44 4.07 -4.35 11.54
N ARG A 45 3.45 -3.38 10.87
CA ARG A 45 3.01 -3.59 9.50
C ARG A 45 4.19 -4.09 8.64
N GLY A 46 5.39 -3.54 8.88
CA GLY A 46 6.55 -3.97 8.12
C GLY A 46 6.98 -5.38 8.44
N PHE A 47 6.88 -5.76 9.71
CA PHE A 47 7.26 -7.09 10.16
C PHE A 47 6.36 -8.16 9.58
N VAL A 48 5.06 -7.90 9.64
CA VAL A 48 4.05 -8.82 9.15
C VAL A 48 4.09 -8.96 7.61
N ASP A 49 4.23 -7.84 6.91
CA ASP A 49 4.30 -7.86 5.44
C ASP A 49 5.50 -8.74 5.05
N HIS A 50 6.53 -8.67 5.88
CA HIS A 50 7.75 -9.40 5.71
C HIS A 50 7.51 -10.90 5.87
N LEU A 51 6.67 -11.26 6.85
CA LEU A 51 6.36 -12.66 7.11
C LEU A 51 5.44 -13.27 6.06
N ILE A 52 4.49 -12.46 5.58
CA ILE A 52 3.55 -12.92 4.57
C ILE A 52 4.27 -13.13 3.25
N HIS A 53 5.28 -12.31 3.00
CA HIS A 53 6.06 -12.46 1.77
C HIS A 53 6.74 -13.82 1.72
N LEU A 54 7.32 -14.23 2.85
CA LEU A 54 8.00 -15.52 2.92
C LEU A 54 7.02 -16.66 2.84
N ALA A 55 5.83 -16.45 3.39
CA ALA A 55 4.78 -17.45 3.38
C ALA A 55 4.29 -17.67 1.95
N LYS A 56 4.33 -16.62 1.15
CA LYS A 56 3.89 -16.73 -0.22
C LYS A 56 4.97 -17.46 -1.03
N ARG A 57 6.22 -17.22 -0.68
CA ARG A 57 7.33 -17.87 -1.34
C ARG A 57 7.22 -19.34 -0.93
N GLY A 58 6.58 -19.56 0.21
CA GLY A 58 6.35 -20.88 0.77
C GLY A 58 7.26 -22.06 0.47
N ASP A 59 8.46 -22.05 1.02
CA ASP A 59 9.39 -23.16 0.80
C ASP A 59 10.07 -23.60 2.10
N LEU A 60 10.89 -24.63 1.99
CA LEU A 60 11.61 -25.18 3.14
C LEU A 60 12.35 -24.10 3.94
N HIS A 61 13.01 -23.19 3.22
CA HIS A 61 13.79 -22.13 3.83
C HIS A 61 12.95 -20.98 4.35
N ALA A 62 11.86 -20.68 3.66
CA ALA A 62 10.97 -19.61 4.10
C ALA A 62 10.30 -20.01 5.41
N ARG A 63 9.83 -21.25 5.47
CA ARG A 63 9.18 -21.77 6.66
C ARG A 63 10.11 -21.76 7.86
N ARG A 64 11.41 -21.91 7.59
CA ARG A 64 12.40 -21.93 8.66
C ARG A 64 12.60 -20.54 9.26
N LEU A 65 12.73 -19.55 8.39
CA LEU A 65 12.94 -18.17 8.80
C LEU A 65 11.72 -17.57 9.46
N VAL A 66 10.54 -17.99 8.99
CA VAL A 66 9.31 -17.47 9.58
C VAL A 66 9.16 -17.93 11.01
N LEU A 67 9.52 -19.19 11.28
CA LEU A 67 9.42 -19.75 12.61
C LEU A 67 10.45 -19.11 13.53
N ARG A 68 11.65 -18.86 13.01
CA ARG A 68 12.69 -18.25 13.83
C ARG A 68 12.24 -16.87 14.28
N ASP A 69 11.42 -16.22 13.45
CA ASP A 69 10.90 -14.89 13.74
C ASP A 69 9.65 -14.95 14.61
N LEU A 70 8.74 -15.87 14.27
CA LEU A 70 7.53 -16.06 15.05
C LEU A 70 7.75 -17.34 15.80
N GLN A 71 7.92 -17.26 17.11
CA GLN A 71 8.13 -18.50 17.86
C GLN A 71 6.84 -19.23 18.21
N ASP A 72 6.10 -19.60 17.16
CA ASP A 72 4.84 -20.30 17.30
C ASP A 72 4.55 -21.11 16.03
N VAL A 73 4.54 -22.44 16.17
CA VAL A 73 4.28 -23.34 15.06
C VAL A 73 2.89 -23.21 14.46
N LYS A 74 1.87 -23.27 15.31
CA LYS A 74 0.49 -23.16 14.84
C LYS A 74 0.28 -21.95 13.95
N LEU A 75 0.93 -20.84 14.30
CA LEU A 75 0.82 -19.61 13.52
C LEU A 75 1.59 -19.68 12.22
N VAL A 76 2.83 -20.14 12.29
CA VAL A 76 3.65 -20.29 11.10
C VAL A 76 2.89 -21.17 10.11
N ARG A 77 2.22 -22.18 10.66
CA ARG A 77 1.43 -23.10 9.87
C ARG A 77 0.28 -22.33 9.22
N LYS A 78 -0.47 -21.60 10.04
CA LYS A 78 -1.60 -20.79 9.59
C LYS A 78 -1.20 -19.87 8.43
N LEU A 79 -0.09 -19.16 8.60
CA LEU A 79 0.43 -18.25 7.59
C LEU A 79 0.61 -18.92 6.23
N PHE A 80 1.36 -20.01 6.22
CA PHE A 80 1.65 -20.71 4.99
C PHE A 80 0.48 -21.34 4.26
N ASP A 81 -0.35 -22.09 4.98
CA ASP A 81 -1.47 -22.75 4.35
C ASP A 81 -2.82 -22.06 4.46
N GLU A 82 -2.85 -20.86 5.04
CA GLU A 82 -4.12 -20.13 5.19
C GLU A 82 -4.07 -18.66 4.73
N ILE A 83 -3.23 -17.86 5.39
CA ILE A 83 -3.06 -16.43 5.09
C ILE A 83 -2.38 -16.17 3.74
N ALA A 84 -1.28 -16.88 3.50
CA ALA A 84 -0.51 -16.73 2.26
C ALA A 84 -1.35 -16.94 0.99
N PRO A 85 -2.05 -18.10 0.90
CA PRO A 85 -2.87 -18.38 -0.28
C PRO A 85 -3.83 -17.24 -0.62
N ARG A 86 -4.42 -16.68 0.43
CA ARG A 86 -5.37 -15.57 0.34
C ARG A 86 -4.78 -14.30 -0.31
N TYR A 87 -3.48 -14.12 -0.19
CA TYR A 87 -2.83 -12.93 -0.75
C TYR A 87 -1.96 -13.24 -1.96
N ARG A 88 -2.21 -14.36 -2.62
CA ARG A 88 -1.43 -14.73 -3.80
C ARG A 88 -1.68 -13.74 -4.93
N ASP A 89 -2.75 -12.95 -4.83
CA ASP A 89 -3.02 -12.00 -5.89
C ASP A 89 -2.34 -10.66 -5.61
N ARG A 90 -2.34 -10.23 -4.35
CA ARG A 90 -1.70 -8.96 -3.97
C ARG A 90 -0.20 -9.15 -3.95
N GLN A 91 0.52 -8.06 -4.15
CA GLN A 91 1.97 -8.12 -4.17
C GLN A 91 2.54 -7.08 -3.21
N GLY A 92 1.98 -7.05 -2.01
CA GLY A 92 2.44 -6.09 -1.02
C GLY A 92 1.27 -5.40 -0.35
N GLY A 93 1.56 -4.59 0.67
CA GLY A 93 0.53 -3.86 1.39
C GLY A 93 -0.61 -4.76 1.85
N TYR A 94 -0.22 -5.86 2.50
CA TYR A 94 -1.18 -6.84 3.00
C TYR A 94 -1.79 -6.32 4.30
N THR A 95 -1.09 -5.39 4.95
CA THR A 95 -1.53 -4.83 6.24
C THR A 95 -1.93 -3.39 6.14
N ARG A 96 -3.10 -3.06 6.70
CA ARG A 96 -3.63 -1.71 6.69
C ARG A 96 -3.50 -1.02 8.06
N VAL A 97 -3.06 0.23 8.04
CA VAL A 97 -2.85 1.03 9.26
C VAL A 97 -3.75 2.27 9.25
N LEU A 98 -4.65 2.39 10.23
CA LEU A 98 -5.53 3.55 10.26
C LEU A 98 -5.43 4.32 11.56
N LYS A 99 -4.99 5.57 11.43
CA LYS A 99 -4.82 6.45 12.57
C LYS A 99 -6.15 6.83 13.19
N LEU A 100 -6.19 6.75 14.51
CA LEU A 100 -7.38 7.06 15.28
C LEU A 100 -7.33 8.48 15.82
N ALA A 101 -8.51 8.98 16.19
CA ALA A 101 -8.67 10.31 16.78
C ALA A 101 -8.44 10.15 18.27
N GLU A 102 -8.27 8.90 18.70
CA GLU A 102 -8.03 8.55 20.09
C GLU A 102 -6.54 8.49 20.46
N ARG A 103 -6.22 8.97 21.65
CA ARG A 103 -4.85 9.00 22.15
C ARG A 103 -4.81 8.25 23.47
N ARG A 104 -3.72 7.54 23.78
CA ARG A 104 -3.67 6.79 25.03
C ARG A 104 -3.52 7.74 26.22
N ARG A 105 -3.93 7.27 27.39
CA ARG A 105 -3.88 8.04 28.64
C ARG A 105 -2.50 7.94 29.29
N GLY A 106 -1.98 9.11 29.64
CA GLY A 106 -0.66 9.19 30.24
C GLY A 106 0.15 10.20 29.44
N ASP A 107 0.75 9.72 28.35
CA ASP A 107 1.56 10.59 27.49
C ASP A 107 0.76 11.26 26.39
N GLY A 108 -0.42 10.70 26.10
CA GLY A 108 -1.27 11.24 25.07
C GLY A 108 -0.89 10.85 23.65
N ALA A 109 0.02 9.89 23.52
CA ALA A 109 0.48 9.44 22.20
C ALA A 109 -0.71 8.99 21.37
N PRO A 110 -0.77 9.42 20.10
CA PRO A 110 -1.84 9.08 19.17
C PRO A 110 -1.81 7.60 18.79
N LEU A 111 -3.00 7.03 18.71
CA LEU A 111 -3.17 5.62 18.42
C LEU A 111 -3.45 5.33 16.95
N ALA A 112 -3.27 4.06 16.59
CA ALA A 112 -3.53 3.61 15.23
C ALA A 112 -3.99 2.15 15.27
N LEU A 113 -4.92 1.82 14.39
CA LEU A 113 -5.46 0.47 14.27
C LEU A 113 -4.81 -0.27 13.12
N VAL A 114 -4.26 -1.45 13.41
CA VAL A 114 -3.61 -2.27 12.39
C VAL A 114 -4.44 -3.52 12.13
N GLU A 115 -4.62 -3.85 10.87
CA GLU A 115 -5.42 -5.00 10.47
C GLU A 115 -5.05 -5.46 9.08
N LEU A 116 -5.45 -6.68 8.72
CA LEU A 116 -5.14 -7.22 7.41
C LEU A 116 -6.10 -6.68 6.38
N VAL A 117 -5.55 -6.24 5.25
CA VAL A 117 -6.33 -5.67 4.16
C VAL A 117 -7.21 -6.77 3.54
N GLU A 118 -8.41 -6.38 3.11
CA GLU A 118 -9.37 -7.31 2.51
C GLU A 118 -10.77 -6.71 2.66
N SER B 14 18.88 -31.98 9.03
CA SER B 14 18.29 -30.65 9.38
C SER B 14 19.35 -29.62 9.83
N SER B 15 19.77 -29.67 11.09
CA SER B 15 20.80 -28.75 11.58
C SER B 15 22.14 -29.06 10.89
N HIS B 16 22.30 -30.34 10.51
CA HIS B 16 23.48 -30.89 9.81
C HIS B 16 23.51 -30.28 8.42
N ARG B 17 22.34 -30.26 7.78
CA ARG B 17 22.15 -29.75 6.43
C ARG B 17 22.48 -28.27 6.36
N LEU B 18 21.84 -27.48 7.21
CA LEU B 18 22.04 -26.04 7.25
C LEU B 18 23.51 -25.66 7.43
N ALA B 19 24.21 -26.42 8.26
CA ALA B 19 25.62 -26.18 8.51
C ALA B 19 26.42 -26.35 7.20
N LEU B 20 26.04 -27.36 6.41
CA LEU B 20 26.71 -27.65 5.14
C LEU B 20 26.41 -26.54 4.14
N TYR B 21 25.13 -26.23 3.97
CA TYR B 21 24.69 -25.18 3.06
C TYR B 21 25.48 -23.90 3.32
N ARG B 22 25.58 -23.56 4.60
CA ARG B 22 26.30 -22.38 5.07
C ARG B 22 27.74 -22.45 4.59
N ASN B 23 28.38 -23.59 4.83
CA ASN B 23 29.77 -23.79 4.44
C ASN B 23 29.95 -23.73 2.93
N GLN B 24 29.05 -24.40 2.21
CA GLN B 24 29.11 -24.43 0.75
C GLN B 24 28.85 -23.05 0.16
N ALA B 25 27.84 -22.37 0.68
CA ALA B 25 27.49 -21.03 0.20
C ALA B 25 28.62 -20.04 0.36
N LYS B 26 29.32 -20.12 1.50
CA LYS B 26 30.44 -19.21 1.77
C LYS B 26 31.47 -19.35 0.65
N SER B 27 31.86 -20.59 0.36
CA SER B 27 32.85 -20.87 -0.68
C SER B 27 32.38 -20.42 -2.05
N LEU B 28 31.08 -20.58 -2.30
CA LEU B 28 30.47 -20.22 -3.58
C LEU B 28 30.54 -18.72 -3.80
N LEU B 29 30.20 -17.99 -2.75
CA LEU B 29 30.20 -16.54 -2.80
C LEU B 29 31.61 -15.95 -2.88
N THR B 30 32.57 -16.66 -2.30
CA THR B 30 33.94 -16.18 -2.29
C THR B 30 34.65 -16.44 -3.62
N HIS B 31 34.64 -17.70 -4.06
CA HIS B 31 35.32 -18.05 -5.28
C HIS B 31 34.50 -18.06 -6.59
N GLY B 32 33.17 -17.95 -6.49
CA GLY B 32 32.32 -17.90 -7.68
C GLY B 32 31.83 -19.24 -8.19
N ARG B 33 32.42 -20.30 -7.65
CA ARG B 33 32.07 -21.67 -8.04
C ARG B 33 32.41 -22.68 -6.95
N ILE B 34 31.73 -23.83 -6.97
CA ILE B 34 31.95 -24.92 -6.02
C ILE B 34 31.53 -26.23 -6.70
N THR B 35 32.10 -27.33 -6.26
CA THR B 35 31.75 -28.62 -6.83
C THR B 35 31.44 -29.62 -5.72
N THR B 36 30.35 -30.34 -5.91
CA THR B 36 29.88 -31.34 -4.95
C THR B 36 29.11 -32.41 -5.71
N THR B 37 28.28 -33.18 -5.00
CA THR B 37 27.50 -34.23 -5.63
C THR B 37 26.28 -33.58 -6.27
N VAL B 38 25.60 -34.33 -7.13
CA VAL B 38 24.40 -33.83 -7.79
C VAL B 38 23.34 -33.41 -6.79
N PRO B 39 22.99 -34.30 -5.84
CA PRO B 39 21.98 -33.88 -4.87
C PRO B 39 22.38 -32.67 -4.04
N LYS B 40 23.60 -32.70 -3.48
CA LYS B 40 24.08 -31.58 -2.66
C LYS B 40 24.06 -30.28 -3.46
N ALA B 41 24.26 -30.39 -4.77
CA ALA B 41 24.27 -29.23 -5.64
C ALA B 41 22.85 -28.66 -5.83
N LYS B 42 21.86 -29.55 -5.92
CA LYS B 42 20.47 -29.12 -6.08
C LYS B 42 20.01 -28.42 -4.80
N GLU B 43 20.37 -28.98 -3.64
CA GLU B 43 20.01 -28.40 -2.34
C GLU B 43 20.63 -27.00 -2.16
N LEU B 44 21.86 -26.86 -2.62
CA LEU B 44 22.61 -25.60 -2.54
C LEU B 44 21.97 -24.52 -3.40
N ARG B 45 21.70 -24.86 -4.67
CA ARG B 45 21.08 -23.91 -5.59
C ARG B 45 19.82 -23.32 -4.99
N GLY B 46 19.05 -24.14 -4.29
CA GLY B 46 17.83 -23.66 -3.68
C GLY B 46 18.10 -22.73 -2.52
N PHE B 47 19.13 -23.07 -1.75
CA PHE B 47 19.52 -22.28 -0.58
C PHE B 47 20.01 -20.91 -0.98
N VAL B 48 20.90 -20.86 -1.96
CA VAL B 48 21.44 -19.60 -2.44
C VAL B 48 20.42 -18.73 -3.17
N ASP B 49 19.55 -19.33 -3.96
CA ASP B 49 18.52 -18.55 -4.67
C ASP B 49 17.57 -17.93 -3.62
N HIS B 50 17.44 -18.61 -2.50
CA HIS B 50 16.60 -18.16 -1.39
C HIS B 50 17.24 -16.93 -0.73
N LEU B 51 18.57 -16.95 -0.58
CA LEU B 51 19.29 -15.84 0.03
C LEU B 51 19.36 -14.62 -0.90
N ILE B 52 19.48 -14.86 -2.21
CA ILE B 52 19.54 -13.77 -3.18
C ILE B 52 18.20 -13.06 -3.26
N HIS B 53 17.13 -13.84 -3.12
CA HIS B 53 15.78 -13.31 -3.15
C HIS B 53 15.60 -12.26 -2.03
N LEU B 54 16.06 -12.60 -0.83
CA LEU B 54 15.99 -11.74 0.33
C LEU B 54 16.85 -10.51 0.14
N ALA B 55 18.02 -10.70 -0.45
CA ALA B 55 18.96 -9.60 -0.68
C ALA B 55 18.38 -8.62 -1.70
N LYS B 56 17.54 -9.14 -2.59
CA LYS B 56 16.91 -8.29 -3.58
C LYS B 56 15.78 -7.50 -2.91
N ARG B 57 15.10 -8.13 -1.95
CA ARG B 57 14.04 -7.48 -1.20
C ARG B 57 14.72 -6.44 -0.31
N GLY B 58 16.00 -6.68 -0.07
CA GLY B 58 16.85 -5.81 0.72
C GLY B 58 16.30 -4.89 1.79
N ASP B 59 15.67 -5.44 2.81
CA ASP B 59 15.16 -4.58 3.86
C ASP B 59 15.74 -4.96 5.22
N LEU B 60 15.35 -4.18 6.23
CA LEU B 60 15.79 -4.38 7.58
C LEU B 60 15.72 -5.84 8.05
N HIS B 61 14.56 -6.46 7.83
CA HIS B 61 14.32 -7.84 8.23
C HIS B 61 15.08 -8.85 7.38
N ALA B 62 15.15 -8.62 6.08
CA ALA B 62 15.86 -9.51 5.17
C ALA B 62 17.32 -9.58 5.54
N ARG B 63 17.91 -8.40 5.76
CA ARG B 63 19.33 -8.33 6.10
C ARG B 63 19.62 -9.06 7.40
N ARG B 64 18.63 -9.09 8.28
CA ARG B 64 18.77 -9.76 9.56
C ARG B 64 18.82 -11.28 9.42
N LEU B 65 17.87 -11.84 8.66
CA LEU B 65 17.83 -13.27 8.46
C LEU B 65 18.96 -13.77 7.59
N VAL B 66 19.42 -12.94 6.67
CA VAL B 66 20.52 -13.33 5.79
C VAL B 66 21.78 -13.51 6.61
N LEU B 67 21.99 -12.59 7.54
CA LEU B 67 23.17 -12.63 8.39
C LEU B 67 23.06 -13.81 9.37
N ARG B 68 21.87 -14.08 9.86
CA ARG B 68 21.66 -15.18 10.79
C ARG B 68 22.05 -16.50 10.11
N ASP B 69 21.82 -16.59 8.79
CA ASP B 69 22.12 -17.79 7.99
C ASP B 69 23.59 -17.79 7.57
N LEU B 70 24.03 -16.64 7.08
CA LEU B 70 25.41 -16.48 6.66
C LEU B 70 26.13 -15.75 7.77
N GLN B 71 27.01 -16.47 8.46
CA GLN B 71 27.76 -15.88 9.58
C GLN B 71 28.95 -15.09 9.06
N ASP B 72 28.78 -14.42 7.93
CA ASP B 72 29.88 -13.65 7.40
C ASP B 72 29.37 -12.29 6.94
N VAL B 73 29.85 -11.23 7.59
CA VAL B 73 29.46 -9.86 7.26
C VAL B 73 29.89 -9.41 5.88
N LYS B 74 31.16 -9.59 5.56
CA LYS B 74 31.66 -9.18 4.25
C LYS B 74 30.83 -9.75 3.12
N LEU B 75 30.36 -10.99 3.31
CA LEU B 75 29.55 -11.68 2.30
C LEU B 75 28.13 -11.13 2.24
N VAL B 76 27.51 -10.98 3.40
CA VAL B 76 26.16 -10.45 3.48
C VAL B 76 26.17 -9.07 2.85
N ARG B 77 27.27 -8.35 3.04
CA ARG B 77 27.44 -7.01 2.51
C ARG B 77 27.49 -7.12 0.98
N LYS B 78 28.35 -8.01 0.49
CA LYS B 78 28.52 -8.27 -0.94
C LYS B 78 27.18 -8.55 -1.61
N LEU B 79 26.45 -9.49 -1.03
CA LEU B 79 25.14 -9.88 -1.53
C LEU B 79 24.24 -8.67 -1.79
N PHE B 80 24.00 -7.89 -0.75
CA PHE B 80 23.13 -6.74 -0.84
C PHE B 80 23.54 -5.61 -1.78
N ASP B 81 24.78 -5.12 -1.68
CA ASP B 81 25.19 -4.02 -2.54
C ASP B 81 25.96 -4.42 -3.80
N GLU B 82 26.08 -5.72 -4.06
CA GLU B 82 26.79 -6.19 -5.24
C GLU B 82 26.03 -7.22 -6.08
N ILE B 83 25.78 -8.39 -5.51
CA ILE B 83 25.08 -9.48 -6.22
C ILE B 83 23.62 -9.19 -6.50
N ALA B 84 22.93 -8.67 -5.48
CA ALA B 84 21.51 -8.34 -5.58
C ALA B 84 21.19 -7.38 -6.74
N PRO B 85 21.87 -6.21 -6.78
CA PRO B 85 21.61 -5.25 -7.86
C PRO B 85 21.68 -5.90 -9.24
N ARG B 86 22.68 -6.77 -9.41
CA ARG B 86 22.90 -7.44 -10.68
C ARG B 86 21.74 -8.32 -11.12
N TYR B 87 20.97 -8.81 -10.15
CA TYR B 87 19.83 -9.68 -10.48
C TYR B 87 18.48 -9.01 -10.30
N ARG B 88 18.45 -7.67 -10.30
CA ARG B 88 17.20 -6.94 -10.14
C ARG B 88 16.34 -7.22 -11.35
N ASP B 89 16.98 -7.84 -12.35
CA ASP B 89 16.36 -8.19 -13.61
C ASP B 89 15.87 -9.64 -13.68
N ARG B 90 16.71 -10.58 -13.25
CA ARG B 90 16.37 -12.00 -13.29
C ARG B 90 15.31 -12.29 -12.23
N GLN B 91 14.53 -13.35 -12.47
CA GLN B 91 13.49 -13.75 -11.54
C GLN B 91 13.61 -15.22 -11.20
N GLY B 92 14.82 -15.63 -10.86
CA GLY B 92 15.08 -17.01 -10.51
C GLY B 92 16.31 -17.51 -11.21
N GLY B 93 16.71 -18.74 -10.87
CA GLY B 93 17.87 -19.35 -11.48
C GLY B 93 19.11 -18.46 -11.47
N TYR B 94 19.40 -17.88 -10.32
CA TYR B 94 20.57 -17.04 -10.22
C TYR B 94 21.79 -17.96 -10.19
N THR B 95 21.58 -19.22 -9.79
CA THR B 95 22.67 -20.19 -9.69
C THR B 95 22.51 -21.28 -10.72
N ARG B 96 23.62 -21.62 -11.37
CA ARG B 96 23.64 -22.65 -12.39
C ARG B 96 24.33 -23.93 -11.89
N VAL B 97 23.73 -25.06 -12.23
CA VAL B 97 24.24 -26.37 -11.86
C VAL B 97 24.62 -27.15 -13.13
N LEU B 98 25.88 -27.56 -13.23
CA LEU B 98 26.38 -28.30 -14.40
C LEU B 98 26.88 -29.69 -14.05
N LYS B 99 26.14 -30.72 -14.45
CA LYS B 99 26.54 -32.08 -14.14
C LYS B 99 27.80 -32.44 -14.92
N LEU B 100 28.74 -33.06 -14.22
CA LEU B 100 29.99 -33.43 -14.83
C LEU B 100 30.07 -34.91 -15.17
N ALA B 101 31.11 -35.22 -15.93
CA ALA B 101 31.41 -36.56 -16.36
C ALA B 101 32.08 -37.24 -15.19
N GLU B 102 33.07 -36.56 -14.61
CA GLU B 102 33.85 -37.07 -13.46
C GLU B 102 32.97 -37.36 -12.26
N ARG B 103 33.11 -38.57 -11.74
CA ARG B 103 32.36 -39.03 -10.58
C ARG B 103 33.33 -38.92 -9.40
N ARG B 104 32.82 -38.77 -8.18
CA ARG B 104 33.73 -38.65 -7.06
C ARG B 104 34.40 -39.97 -6.71
N ARG B 105 35.69 -39.91 -6.42
CA ARG B 105 36.40 -41.12 -6.06
C ARG B 105 35.95 -41.46 -4.64
N GLY B 106 35.46 -42.68 -4.49
CA GLY B 106 34.97 -43.13 -3.21
C GLY B 106 33.75 -43.94 -3.58
N ASP B 107 32.58 -43.34 -3.40
CA ASP B 107 31.32 -44.00 -3.75
C ASP B 107 30.96 -43.77 -5.21
N GLY B 108 31.66 -42.82 -5.83
CA GLY B 108 31.41 -42.51 -7.23
C GLY B 108 30.07 -41.83 -7.43
N ALA B 109 29.82 -40.82 -6.60
CA ALA B 109 28.58 -40.08 -6.74
C ALA B 109 28.76 -39.17 -7.93
N PRO B 110 27.69 -38.92 -8.70
CA PRO B 110 27.86 -38.04 -9.85
C PRO B 110 28.21 -36.64 -9.35
N LEU B 111 29.27 -36.07 -9.91
CA LEU B 111 29.62 -34.74 -9.51
C LEU B 111 28.89 -33.69 -10.33
N ALA B 112 28.82 -32.48 -9.78
CA ALA B 112 28.17 -31.34 -10.40
C ALA B 112 28.87 -30.04 -10.01
N LEU B 113 28.99 -29.13 -10.98
CA LEU B 113 29.62 -27.84 -10.74
C LEU B 113 28.53 -26.79 -10.52
N VAL B 114 28.61 -26.07 -9.41
CA VAL B 114 27.63 -25.05 -9.10
C VAL B 114 28.32 -23.70 -9.18
N GLU B 115 27.68 -22.73 -9.82
CA GLU B 115 28.24 -21.39 -9.93
C GLU B 115 27.14 -20.36 -10.21
N LEU B 116 27.43 -19.09 -10.01
CA LEU B 116 26.43 -18.06 -10.27
C LEU B 116 26.31 -17.79 -11.76
N VAL B 117 25.08 -17.70 -12.23
CA VAL B 117 24.81 -17.44 -13.63
C VAL B 117 25.18 -15.99 -14.01
N GLU B 118 25.69 -15.82 -15.23
CA GLU B 118 26.10 -14.53 -15.78
C GLU B 118 27.07 -14.81 -16.93
N SER C 14 -34.43 13.38 4.03
CA SER C 14 -35.71 12.65 4.32
C SER C 14 -35.70 11.27 3.65
N SER C 15 -36.34 11.17 2.50
CA SER C 15 -36.41 9.91 1.76
C SER C 15 -35.04 9.62 1.14
N HIS C 16 -34.25 10.69 1.02
CA HIS C 16 -32.91 10.66 0.47
C HIS C 16 -31.98 10.08 1.54
N ARG C 17 -32.27 10.44 2.80
CA ARG C 17 -31.55 9.96 3.97
C ARG C 17 -31.75 8.45 4.13
N LEU C 18 -33.01 8.03 4.19
CA LEU C 18 -33.37 6.63 4.36
C LEU C 18 -32.77 5.73 3.28
N ALA C 19 -32.71 6.23 2.05
CA ALA C 19 -32.15 5.47 0.93
C ALA C 19 -30.68 5.20 1.20
N LEU C 20 -30.01 6.20 1.77
CA LEU C 20 -28.60 6.14 2.13
C LEU C 20 -28.43 5.08 3.23
N TYR C 21 -29.11 5.30 4.35
CA TYR C 21 -29.05 4.40 5.49
C TYR C 21 -29.15 2.96 5.00
N ARG C 22 -30.18 2.71 4.20
CA ARG C 22 -30.42 1.37 3.66
C ARG C 22 -29.22 0.83 2.90
N ASN C 23 -28.65 1.65 2.03
CA ASN C 23 -27.51 1.20 1.25
C ASN C 23 -26.28 0.98 2.15
N GLN C 24 -26.06 1.87 3.11
CA GLN C 24 -24.93 1.76 4.01
C GLN C 24 -25.10 0.57 4.96
N ALA C 25 -26.30 0.37 5.49
CA ALA C 25 -26.56 -0.74 6.39
C ALA C 25 -26.38 -2.09 5.67
N LYS C 26 -26.77 -2.16 4.39
CA LYS C 26 -26.62 -3.39 3.63
C LYS C 26 -25.15 -3.80 3.60
N SER C 27 -24.28 -2.84 3.25
CA SER C 27 -22.84 -3.06 3.18
C SER C 27 -22.28 -3.44 4.55
N LEU C 28 -22.78 -2.79 5.60
CA LEU C 28 -22.33 -3.04 6.97
C LEU C 28 -22.66 -4.45 7.44
N LEU C 29 -23.87 -4.92 7.13
CA LEU C 29 -24.28 -6.25 7.54
C LEU C 29 -23.61 -7.35 6.70
N THR C 30 -23.22 -7.01 5.48
CA THR C 30 -22.57 -7.97 4.59
C THR C 30 -21.09 -8.14 4.92
N HIS C 31 -20.34 -7.03 4.89
CA HIS C 31 -18.90 -7.03 5.17
C HIS C 31 -18.54 -6.92 6.66
N GLY C 32 -19.51 -6.52 7.49
CA GLY C 32 -19.29 -6.37 8.93
C GLY C 32 -18.73 -5.03 9.37
N ARG C 33 -18.41 -4.16 8.40
CA ARG C 33 -17.79 -2.85 8.63
C ARG C 33 -18.06 -1.88 7.49
N ILE C 34 -18.04 -0.59 7.79
CA ILE C 34 -18.27 0.45 6.80
C ILE C 34 -17.56 1.72 7.30
N THR C 35 -17.17 2.59 6.37
CA THR C 35 -16.49 3.84 6.71
C THR C 35 -17.21 5.00 6.06
N THR C 36 -17.45 6.06 6.82
CA THR C 36 -18.13 7.22 6.27
C THR C 36 -17.78 8.47 7.03
N THR C 37 -18.48 9.55 6.69
CA THR C 37 -18.27 10.81 7.34
C THR C 37 -18.74 10.54 8.76
N VAL C 38 -18.28 11.37 9.68
CA VAL C 38 -18.65 11.20 11.08
C VAL C 38 -20.17 11.32 11.27
N PRO C 39 -20.80 12.33 10.64
CA PRO C 39 -22.24 12.51 10.79
C PRO C 39 -22.99 11.29 10.25
N LYS C 40 -22.67 10.91 9.02
CA LYS C 40 -23.31 9.77 8.37
C LYS C 40 -23.14 8.51 9.21
N ALA C 41 -22.02 8.41 9.91
CA ALA C 41 -21.72 7.26 10.77
C ALA C 41 -22.64 7.23 11.99
N LYS C 42 -22.90 8.41 12.54
CA LYS C 42 -23.76 8.56 13.70
C LYS C 42 -25.19 8.11 13.36
N GLU C 43 -25.69 8.62 12.23
CA GLU C 43 -27.04 8.30 11.73
C GLU C 43 -27.21 6.83 11.45
N LEU C 44 -26.18 6.21 10.89
CA LEU C 44 -26.20 4.79 10.57
C LEU C 44 -26.26 3.96 11.85
N ARG C 45 -25.39 4.26 12.81
CA ARG C 45 -25.37 3.52 14.07
C ARG C 45 -26.76 3.45 14.68
N GLY C 46 -27.46 4.57 14.67
CA GLY C 46 -28.79 4.59 15.23
C GLY C 46 -29.78 3.75 14.44
N PHE C 47 -29.66 3.79 13.13
CA PHE C 47 -30.54 3.04 12.25
C PHE C 47 -30.38 1.54 12.40
N VAL C 48 -29.13 1.09 12.47
CA VAL C 48 -28.80 -0.31 12.61
C VAL C 48 -29.24 -0.82 13.98
N ASP C 49 -28.91 -0.08 15.05
CA ASP C 49 -29.27 -0.47 16.40
C ASP C 49 -30.79 -0.67 16.46
N HIS C 50 -31.50 0.15 15.69
CA HIS C 50 -32.96 0.13 15.61
C HIS C 50 -33.42 -1.17 14.97
N LEU C 51 -32.72 -1.60 13.93
CA LEU C 51 -33.07 -2.83 13.23
C LEU C 51 -32.74 -4.07 14.06
N ILE C 52 -31.62 -4.05 14.78
CA ILE C 52 -31.21 -5.19 15.60
C ILE C 52 -32.18 -5.35 16.76
N HIS C 53 -32.69 -4.24 17.25
CA HIS C 53 -33.62 -4.27 18.35
C HIS C 53 -34.89 -5.03 17.96
N LEU C 54 -35.38 -4.79 16.76
CA LEU C 54 -36.60 -5.46 16.30
C LEU C 54 -36.30 -6.92 15.99
N ALA C 55 -35.10 -7.17 15.48
CA ALA C 55 -34.68 -8.53 15.18
C ALA C 55 -34.63 -9.36 16.47
N LYS C 56 -34.27 -8.70 17.57
CA LYS C 56 -34.21 -9.39 18.86
C LYS C 56 -35.63 -9.67 19.35
N ARG C 57 -36.54 -8.73 19.09
CA ARG C 57 -37.93 -8.88 19.49
C ARG C 57 -38.49 -9.99 18.62
N GLY C 58 -37.81 -10.19 17.49
CA GLY C 58 -38.17 -11.22 16.52
C GLY C 58 -39.60 -11.73 16.39
N ASP C 59 -40.53 -10.85 16.07
CA ASP C 59 -41.89 -11.29 15.87
C ASP C 59 -42.40 -10.96 14.46
N LEU C 60 -43.60 -11.43 14.21
CA LEU C 60 -44.28 -11.26 12.93
C LEU C 60 -44.24 -9.79 12.46
N HIS C 61 -44.59 -8.89 13.36
CA HIS C 61 -44.63 -7.45 13.12
C HIS C 61 -43.26 -6.82 12.93
N ALA C 62 -42.29 -7.20 13.77
CA ALA C 62 -40.94 -6.68 13.70
C ALA C 62 -40.29 -7.09 12.38
N ARG C 63 -40.48 -8.35 12.02
CA ARG C 63 -39.97 -8.93 10.79
C ARG C 63 -40.47 -8.12 9.59
N ARG C 64 -41.70 -7.65 9.68
CA ARG C 64 -42.32 -6.88 8.61
C ARG C 64 -41.73 -5.49 8.42
N LEU C 65 -41.60 -4.75 9.52
CA LEU C 65 -41.07 -3.40 9.46
C LEU C 65 -39.57 -3.40 9.14
N VAL C 66 -38.85 -4.45 9.53
CA VAL C 66 -37.42 -4.55 9.23
C VAL C 66 -37.20 -4.66 7.72
N LEU C 67 -38.04 -5.48 7.08
CA LEU C 67 -37.95 -5.71 5.64
C LEU C 67 -38.31 -4.44 4.87
N ARG C 68 -39.34 -3.75 5.34
CA ARG C 68 -39.78 -2.55 4.68
C ARG C 68 -38.68 -1.51 4.72
N ASP C 69 -37.88 -1.54 5.78
CA ASP C 69 -36.77 -0.58 5.96
C ASP C 69 -35.52 -1.09 5.21
N LEU C 70 -35.26 -2.39 5.33
CA LEU C 70 -34.13 -3.04 4.65
C LEU C 70 -34.72 -3.85 3.50
N GLN C 71 -34.51 -3.39 2.27
CA GLN C 71 -35.05 -4.06 1.10
C GLN C 71 -34.27 -5.30 0.68
N ASP C 72 -34.04 -6.24 1.60
CA ASP C 72 -33.28 -7.43 1.26
C ASP C 72 -33.66 -8.59 2.16
N VAL C 73 -34.19 -9.64 1.54
CA VAL C 73 -34.60 -10.85 2.25
C VAL C 73 -33.45 -11.61 2.94
N LYS C 74 -32.41 -11.95 2.17
CA LYS C 74 -31.28 -12.68 2.75
C LYS C 74 -30.71 -12.00 3.98
N LEU C 75 -30.69 -10.66 3.97
CA LEU C 75 -30.19 -9.87 5.09
C LEU C 75 -31.14 -9.93 6.29
N VAL C 76 -32.42 -9.71 6.02
CA VAL C 76 -33.45 -9.75 7.07
C VAL C 76 -33.41 -11.13 7.72
N ARG C 77 -33.16 -12.14 6.89
CA ARG C 77 -33.07 -13.50 7.39
C ARG C 77 -31.83 -13.61 8.29
N LYS C 78 -30.68 -13.15 7.79
CA LYS C 78 -29.44 -13.17 8.55
C LYS C 78 -29.61 -12.54 9.92
N LEU C 79 -30.15 -11.33 9.93
CA LEU C 79 -30.38 -10.58 11.16
C LEU C 79 -31.11 -11.40 12.22
N PHE C 80 -32.26 -11.95 11.84
CA PHE C 80 -33.06 -12.72 12.77
C PHE C 80 -32.49 -14.04 13.28
N ASP C 81 -32.00 -14.92 12.41
CA ASP C 81 -31.47 -16.17 12.95
C ASP C 81 -29.96 -16.27 13.07
N GLU C 82 -29.27 -15.13 12.91
CA GLU C 82 -27.81 -15.11 13.00
C GLU C 82 -27.27 -14.00 13.91
N ILE C 83 -27.48 -12.76 13.51
CA ILE C 83 -27.01 -11.59 14.25
C ILE C 83 -27.72 -11.42 15.61
N ALA C 84 -29.05 -11.50 15.58
CA ALA C 84 -29.89 -11.33 16.75
C ALA C 84 -29.51 -12.26 17.90
N PRO C 85 -29.48 -13.58 17.63
CA PRO C 85 -29.13 -14.55 18.67
C PRO C 85 -27.84 -14.16 19.37
N ARG C 86 -26.88 -13.71 18.56
CA ARG C 86 -25.57 -13.27 19.01
C ARG C 86 -25.62 -12.16 20.08
N TYR C 87 -26.61 -11.29 19.99
CA TYR C 87 -26.73 -10.17 20.92
C TYR C 87 -27.87 -10.29 21.94
N ARG C 88 -28.31 -11.52 22.20
CA ARG C 88 -29.37 -11.80 23.17
C ARG C 88 -28.90 -11.42 24.57
N ASP C 89 -27.57 -11.40 24.71
CA ASP C 89 -26.92 -11.05 25.97
C ASP C 89 -26.77 -9.56 26.14
N ARG C 90 -26.46 -8.85 25.06
CA ARG C 90 -26.30 -7.40 25.10
C ARG C 90 -27.68 -6.79 25.21
N GLN C 91 -27.74 -5.59 25.78
CA GLN C 91 -28.99 -4.88 25.98
C GLN C 91 -28.88 -3.45 25.40
N GLY C 92 -28.32 -3.35 24.20
CA GLY C 92 -28.15 -2.05 23.55
C GLY C 92 -26.75 -1.90 22.97
N GLY C 93 -26.53 -0.81 22.25
CA GLY C 93 -25.22 -0.55 21.65
C GLY C 93 -24.65 -1.70 20.85
N TYR C 94 -25.42 -2.18 19.87
CA TYR C 94 -24.95 -3.30 19.06
C TYR C 94 -23.97 -2.86 17.95
N THR C 95 -23.98 -1.56 17.63
CA THR C 95 -23.12 -1.00 16.60
C THR C 95 -22.08 -0.07 17.22
N ARG C 96 -20.81 -0.27 16.84
CA ARG C 96 -19.72 0.56 17.37
C ARG C 96 -19.21 1.54 16.32
N VAL C 97 -18.96 2.76 16.77
CA VAL C 97 -18.44 3.83 15.92
C VAL C 97 -17.06 4.28 16.40
N LEU C 98 -16.04 4.15 15.55
CA LEU C 98 -14.67 4.55 15.90
C LEU C 98 -14.18 5.73 15.06
N LYS C 99 -13.97 6.88 15.70
CA LYS C 99 -13.48 8.08 15.01
C LYS C 99 -12.02 7.86 14.57
N LEU C 100 -11.70 8.21 13.33
CA LEU C 100 -10.35 8.03 12.82
C LEU C 100 -9.69 9.41 12.75
N ALA C 101 -8.37 9.49 12.85
CA ALA C 101 -7.78 10.81 12.73
C ALA C 101 -8.08 11.28 11.29
N GLU C 102 -7.75 10.44 10.32
CA GLU C 102 -7.93 10.75 8.89
C GLU C 102 -9.26 11.28 8.35
N ARG C 103 -9.17 11.82 7.14
CA ARG C 103 -10.29 12.44 6.44
C ARG C 103 -10.21 11.99 4.97
N ARG C 104 -11.00 12.61 4.10
CA ARG C 104 -10.99 12.29 2.66
C ARG C 104 -11.10 13.62 1.88
N ARG C 105 -10.78 13.59 0.59
CA ARG C 105 -10.80 14.79 -0.26
C ARG C 105 -12.05 15.68 -0.23
N GLY C 106 -12.04 16.68 -1.09
CA GLY C 106 -13.17 17.60 -1.14
C GLY C 106 -13.00 18.75 -0.16
N ASP C 107 -13.05 18.42 1.13
CA ASP C 107 -12.89 19.41 2.20
C ASP C 107 -12.21 18.77 3.40
N GLY C 108 -11.84 17.49 3.22
CA GLY C 108 -11.18 16.75 4.28
C GLY C 108 -12.20 16.09 5.18
N ALA C 109 -13.27 15.56 4.57
CA ALA C 109 -14.36 14.93 5.31
C ALA C 109 -13.92 14.00 6.45
N PRO C 110 -13.90 14.51 7.71
CA PRO C 110 -13.49 13.64 8.82
C PRO C 110 -14.17 12.28 8.75
N LEU C 111 -13.42 11.25 9.13
CA LEU C 111 -13.93 9.89 9.03
C LEU C 111 -14.16 9.13 10.33
N ALA C 112 -14.97 8.09 10.19
CA ALA C 112 -15.33 7.23 11.31
C ALA C 112 -15.60 5.84 10.77
N LEU C 113 -15.18 4.83 11.53
CA LEU C 113 -15.38 3.44 11.15
C LEU C 113 -16.58 2.88 11.93
N VAL C 114 -17.55 2.32 11.22
CA VAL C 114 -18.74 1.76 11.86
C VAL C 114 -18.70 0.25 11.67
N GLU C 115 -19.00 -0.50 12.74
CA GLU C 115 -18.95 -1.96 12.71
C GLU C 115 -19.79 -2.53 13.85
N LEU C 116 -20.17 -3.81 13.73
CA LEU C 116 -20.96 -4.46 14.76
C LEU C 116 -20.09 -4.83 15.96
N VAL C 117 -20.56 -4.51 17.17
CA VAL C 117 -19.83 -4.81 18.39
C VAL C 117 -19.80 -6.32 18.61
N GLU C 118 -18.70 -6.81 19.19
CA GLU C 118 -18.51 -8.25 19.42
C GLU C 118 -17.00 -8.47 19.33
N SER D 14 -53.24 -10.50 4.94
CA SER D 14 -51.92 -9.78 4.86
C SER D 14 -52.17 -8.27 4.93
N SER D 15 -52.31 -7.63 3.77
CA SER D 15 -52.58 -6.19 3.71
C SER D 15 -53.98 -5.94 4.27
N HIS D 16 -54.82 -6.95 4.14
CA HIS D 16 -56.19 -6.87 4.60
C HIS D 16 -56.22 -7.01 6.11
N ARG D 17 -55.31 -7.82 6.66
CA ARG D 17 -55.22 -8.00 8.10
C ARG D 17 -54.75 -6.71 8.80
N LEU D 18 -53.70 -6.11 8.26
CA LEU D 18 -53.13 -4.87 8.75
C LEU D 18 -54.12 -3.73 8.78
N ALA D 19 -54.92 -3.63 7.71
CA ALA D 19 -55.92 -2.57 7.63
C ALA D 19 -56.92 -2.73 8.76
N LEU D 20 -57.22 -3.98 9.11
CA LEU D 20 -58.16 -4.30 10.19
C LEU D 20 -57.55 -3.90 11.53
N TYR D 21 -56.36 -4.41 11.78
CA TYR D 21 -55.62 -4.10 13.00
C TYR D 21 -55.59 -2.60 13.25
N ARG D 22 -55.26 -1.85 12.20
CA ARG D 22 -55.18 -0.39 12.26
C ARG D 22 -56.53 0.20 12.65
N ASN D 23 -57.60 -0.29 12.01
CA ASN D 23 -58.94 0.22 12.30
C ASN D 23 -59.36 -0.13 13.71
N GLN D 24 -59.07 -1.37 14.13
CA GLN D 24 -59.39 -1.85 15.48
C GLN D 24 -58.60 -1.11 16.54
N ALA D 25 -57.32 -0.90 16.26
CA ALA D 25 -56.43 -0.20 17.17
C ALA D 25 -56.85 1.25 17.39
N LYS D 26 -57.30 1.91 16.33
CA LYS D 26 -57.73 3.29 16.46
C LYS D 26 -58.88 3.40 17.45
N SER D 27 -59.89 2.55 17.26
CA SER D 27 -61.06 2.56 18.12
C SER D 27 -60.69 2.20 19.56
N LEU D 28 -59.75 1.27 19.72
CA LEU D 28 -59.31 0.85 21.05
C LEU D 28 -58.63 2.00 21.77
N LEU D 29 -57.80 2.75 21.02
CA LEU D 29 -57.06 3.89 21.56
C LEU D 29 -57.96 5.05 21.93
N THR D 30 -59.04 5.19 21.18
CA THR D 30 -60.02 6.26 21.36
C THR D 30 -60.93 6.00 22.56
N HIS D 31 -61.65 4.89 22.49
CA HIS D 31 -62.63 4.49 23.49
C HIS D 31 -62.10 3.68 24.71
N GLY D 32 -60.92 3.07 24.61
CA GLY D 32 -60.31 2.31 25.71
C GLY D 32 -60.57 0.82 25.75
N ARG D 33 -61.55 0.40 24.96
CA ARG D 33 -61.95 -1.00 24.89
C ARG D 33 -62.65 -1.33 23.57
N ILE D 34 -62.58 -2.60 23.18
CA ILE D 34 -63.20 -3.07 21.94
C ILE D 34 -63.61 -4.54 22.14
N THR D 35 -64.59 -5.00 21.39
CA THR D 35 -65.06 -6.37 21.50
C THR D 35 -65.15 -7.01 20.10
N THR D 36 -64.56 -8.19 19.94
CA THR D 36 -64.60 -8.96 18.69
C THR D 36 -64.50 -10.44 18.99
N THR D 37 -64.06 -11.19 17.99
CA THR D 37 -63.91 -12.63 18.13
C THR D 37 -62.69 -12.91 18.98
N VAL D 38 -62.62 -14.11 19.56
CA VAL D 38 -61.48 -14.48 20.37
C VAL D 38 -60.19 -14.39 19.55
N PRO D 39 -60.20 -14.95 18.34
CA PRO D 39 -59.02 -14.94 17.45
C PRO D 39 -58.57 -13.53 17.10
N LYS D 40 -59.48 -12.72 16.56
CA LYS D 40 -59.21 -11.33 16.20
C LYS D 40 -58.67 -10.53 17.39
N ALA D 41 -59.13 -10.87 18.60
CA ALA D 41 -58.69 -10.18 19.82
C ALA D 41 -57.24 -10.49 20.18
N LYS D 42 -56.86 -11.75 20.02
CA LYS D 42 -55.50 -12.17 20.32
C LYS D 42 -54.51 -11.53 19.35
N GLU D 43 -54.88 -11.47 18.07
CA GLU D 43 -54.00 -10.88 17.07
C GLU D 43 -53.85 -9.37 17.27
N LEU D 44 -54.92 -8.74 17.75
CA LEU D 44 -54.90 -7.30 18.00
C LEU D 44 -54.02 -6.95 19.19
N ARG D 45 -54.18 -7.70 20.28
CA ARG D 45 -53.38 -7.44 21.48
C ARG D 45 -51.88 -7.46 21.14
N GLY D 46 -51.50 -8.37 20.23
CA GLY D 46 -50.11 -8.47 19.83
C GLY D 46 -49.69 -7.29 19.01
N PHE D 47 -50.60 -6.83 18.17
CA PHE D 47 -50.38 -5.68 17.31
C PHE D 47 -50.15 -4.40 18.12
N VAL D 48 -51.05 -4.14 19.07
CA VAL D 48 -50.98 -2.98 19.94
C VAL D 48 -49.76 -3.02 20.88
N ASP D 49 -49.48 -4.18 21.46
CA ASP D 49 -48.33 -4.32 22.35
C ASP D 49 -47.09 -3.93 21.58
N HIS D 50 -47.10 -4.30 20.31
CA HIS D 50 -46.04 -4.04 19.34
C HIS D 50 -45.81 -2.53 19.18
N LEU D 51 -46.92 -1.82 19.02
CA LEU D 51 -46.92 -0.39 18.84
C LEU D 51 -46.53 0.39 20.09
N ILE D 52 -46.96 -0.08 21.25
CA ILE D 52 -46.63 0.58 22.51
C ILE D 52 -45.16 0.41 22.83
N HIS D 53 -44.61 -0.73 22.43
CA HIS D 53 -43.20 -1.02 22.66
C HIS D 53 -42.35 0.02 21.94
N LEU D 54 -42.71 0.30 20.69
CA LEU D 54 -42.01 1.28 19.87
C LEU D 54 -42.19 2.70 20.43
N ALA D 55 -43.38 2.97 20.95
CA ALA D 55 -43.68 4.27 21.51
C ALA D 55 -42.87 4.46 22.80
N LYS D 56 -42.55 3.36 23.47
CA LYS D 56 -41.75 3.43 24.69
C LYS D 56 -40.31 3.73 24.29
N ARG D 57 -39.88 3.08 23.23
CA ARG D 57 -38.53 3.27 22.70
C ARG D 57 -38.44 4.72 22.21
N GLY D 58 -39.59 5.28 21.88
CA GLY D 58 -39.72 6.64 21.42
C GLY D 58 -38.61 7.40 20.69
N ASP D 59 -38.11 6.87 19.58
CA ASP D 59 -37.06 7.61 18.85
C ASP D 59 -37.51 7.91 17.42
N LEU D 60 -36.61 8.52 16.66
CA LEU D 60 -36.90 8.92 15.28
C LEU D 60 -37.43 7.77 14.43
N HIS D 61 -36.82 6.60 14.54
CA HIS D 61 -37.24 5.45 13.75
C HIS D 61 -38.52 4.81 14.24
N ALA D 62 -38.71 4.76 15.55
CA ALA D 62 -39.91 4.17 16.15
C ALA D 62 -41.12 4.98 15.71
N ARG D 63 -41.00 6.29 15.81
CA ARG D 63 -42.06 7.20 15.44
C ARG D 63 -42.45 7.08 13.97
N ARG D 64 -41.50 6.64 13.14
CA ARG D 64 -41.79 6.48 11.72
C ARG D 64 -42.59 5.21 11.45
N LEU D 65 -42.16 4.09 12.02
CA LEU D 65 -42.88 2.84 11.83
C LEU D 65 -44.26 2.82 12.51
N VAL D 66 -44.43 3.53 13.62
CA VAL D 66 -45.72 3.55 14.29
C VAL D 66 -46.73 4.33 13.42
N LEU D 67 -46.25 5.38 12.76
CA LEU D 67 -47.09 6.19 11.89
C LEU D 67 -47.45 5.39 10.63
N ARG D 68 -46.49 4.64 10.10
CA ARG D 68 -46.74 3.85 8.90
C ARG D 68 -47.80 2.80 9.19
N ASP D 69 -47.84 2.33 10.43
CA ASP D 69 -48.81 1.33 10.86
C ASP D 69 -50.13 1.98 11.27
N LEU D 70 -50.05 3.08 12.01
CA LEU D 70 -51.24 3.83 12.42
C LEU D 70 -51.27 5.07 11.55
N GLN D 71 -52.21 5.16 10.63
CA GLN D 71 -52.24 6.34 9.77
C GLN D 71 -53.02 7.49 10.42
N ASP D 72 -52.67 7.80 11.67
CA ASP D 72 -53.28 8.89 12.45
C ASP D 72 -52.28 9.56 13.38
N VAL D 73 -52.00 10.83 13.11
CA VAL D 73 -51.04 11.61 13.88
C VAL D 73 -51.41 11.84 15.34
N LYS D 74 -52.64 12.28 15.58
CA LYS D 74 -53.09 12.54 16.94
C LYS D 74 -52.91 11.33 17.85
N LEU D 75 -53.13 10.13 17.30
CA LEU D 75 -52.99 8.91 18.07
C LEU D 75 -51.54 8.53 18.27
N VAL D 76 -50.74 8.64 17.21
CA VAL D 76 -49.32 8.32 17.32
C VAL D 76 -48.74 9.26 18.37
N ARG D 77 -49.20 10.50 18.38
CA ARG D 77 -48.72 11.45 19.36
C ARG D 77 -49.13 11.00 20.76
N LYS D 78 -50.40 10.65 20.91
CA LYS D 78 -50.93 10.19 22.19
C LYS D 78 -50.11 9.04 22.74
N LEU D 79 -49.83 8.08 21.87
CA LEU D 79 -49.07 6.90 22.24
C LEU D 79 -47.73 7.27 22.86
N PHE D 80 -46.96 8.06 22.13
CA PHE D 80 -45.63 8.48 22.57
C PHE D 80 -45.53 9.33 23.83
N ASP D 81 -46.35 10.36 23.90
CA ASP D 81 -46.32 11.26 25.03
C ASP D 81 -47.36 11.00 26.13
N GLU D 82 -48.20 9.99 25.95
CA GLU D 82 -49.22 9.69 26.95
C GLU D 82 -49.29 8.23 27.41
N ILE D 83 -49.56 7.31 26.48
CA ILE D 83 -49.66 5.89 26.84
C ILE D 83 -48.32 5.24 27.16
N ALA D 84 -47.30 5.53 26.35
CA ALA D 84 -45.97 4.94 26.56
C ALA D 84 -45.40 5.22 27.96
N PRO D 85 -45.40 6.50 28.41
CA PRO D 85 -44.89 6.88 29.72
C PRO D 85 -45.51 6.03 30.82
N ARG D 86 -46.81 5.81 30.68
CA ARG D 86 -47.62 5.01 31.60
C ARG D 86 -47.13 3.56 31.79
N TYR D 87 -46.52 3.00 30.76
CA TYR D 87 -46.05 1.62 30.86
C TYR D 87 -44.54 1.49 30.86
N ARG D 88 -43.84 2.51 31.34
CA ARG D 88 -42.38 2.46 31.40
C ARG D 88 -41.89 1.48 32.46
N ASP D 89 -42.77 1.19 33.43
CA ASP D 89 -42.51 0.26 34.53
C ASP D 89 -42.70 -1.19 34.07
N ARG D 90 -43.74 -1.42 33.28
CA ARG D 90 -44.00 -2.77 32.79
C ARG D 90 -42.99 -3.12 31.68
N GLN D 91 -42.81 -4.41 31.46
CA GLN D 91 -41.87 -4.90 30.47
C GLN D 91 -42.60 -5.87 29.53
N GLY D 92 -43.77 -5.45 29.06
CA GLY D 92 -44.55 -6.29 28.17
C GLY D 92 -46.02 -6.36 28.58
N GLY D 93 -46.84 -7.03 27.77
CA GLY D 93 -48.26 -7.16 28.07
C GLY D 93 -49.03 -5.88 28.40
N TYR D 94 -49.19 -4.99 27.42
CA TYR D 94 -49.87 -3.73 27.66
C TYR D 94 -51.37 -3.78 27.37
N THR D 95 -51.77 -4.78 26.59
CA THR D 95 -53.16 -4.97 26.23
C THR D 95 -53.69 -6.27 26.83
N ARG D 96 -54.90 -6.21 27.39
CA ARG D 96 -55.55 -7.36 28.03
C ARG D 96 -56.72 -7.90 27.23
N VAL D 97 -56.82 -9.22 27.14
CA VAL D 97 -57.91 -9.87 26.42
C VAL D 97 -58.72 -10.71 27.41
N LEU D 98 -60.04 -10.47 27.48
CA LEU D 98 -60.94 -11.21 28.39
C LEU D 98 -62.01 -11.98 27.62
N LYS D 99 -61.92 -13.30 27.61
CA LYS D 99 -62.88 -14.15 26.92
C LYS D 99 -64.25 -14.04 27.62
N LEU D 100 -65.29 -13.87 26.83
CA LEU D 100 -66.62 -13.71 27.37
C LEU D 100 -67.45 -14.96 27.19
N ALA D 101 -68.61 -14.99 27.83
CA ALA D 101 -69.50 -16.12 27.69
C ALA D 101 -70.22 -15.88 26.36
N GLU D 102 -70.80 -14.69 26.23
CA GLU D 102 -71.51 -14.31 25.02
C GLU D 102 -70.81 -14.82 23.77
N ARG D 103 -71.63 -15.17 22.78
CA ARG D 103 -71.13 -15.67 21.51
C ARG D 103 -71.96 -15.01 20.41
N ARG D 104 -71.29 -14.53 19.35
CA ARG D 104 -71.93 -13.85 18.23
C ARG D 104 -73.22 -14.51 17.76
N ARG D 105 -74.12 -13.71 17.19
CA ARG D 105 -75.42 -14.21 16.72
C ARG D 105 -75.51 -14.32 15.19
N GLY D 106 -74.92 -15.38 14.64
CA GLY D 106 -74.94 -15.58 13.20
C GLY D 106 -74.00 -16.71 12.85
N ASP D 107 -72.92 -16.81 13.62
CA ASP D 107 -71.90 -17.84 13.44
C ASP D 107 -71.54 -18.39 14.82
N GLY D 108 -72.13 -17.79 15.85
CA GLY D 108 -71.89 -18.21 17.21
C GLY D 108 -70.41 -18.27 17.51
N ALA D 109 -69.76 -17.13 17.34
CA ALA D 109 -68.33 -17.03 17.56
C ALA D 109 -68.07 -16.58 18.99
N PRO D 110 -67.36 -17.39 19.79
CA PRO D 110 -67.11 -16.94 21.16
C PRO D 110 -66.39 -15.61 21.10
N LEU D 111 -66.90 -14.66 21.88
CA LEU D 111 -66.36 -13.31 21.92
C LEU D 111 -65.31 -13.06 22.98
N ALA D 112 -64.59 -11.96 22.81
CA ALA D 112 -63.56 -11.54 23.76
C ALA D 112 -63.50 -10.02 23.83
N LEU D 113 -63.22 -9.53 25.03
CA LEU D 113 -63.13 -8.11 25.35
C LEU D 113 -61.65 -7.69 25.32
N VAL D 114 -61.30 -6.70 24.50
CA VAL D 114 -59.91 -6.22 24.40
C VAL D 114 -59.79 -4.80 24.97
N GLU D 115 -58.78 -4.56 25.80
CA GLU D 115 -58.59 -3.23 26.37
C GLU D 115 -57.20 -3.07 26.90
N LEU D 116 -56.81 -1.83 27.19
CA LEU D 116 -55.47 -1.58 27.73
C LEU D 116 -55.41 -1.90 29.21
N VAL D 117 -54.34 -2.57 29.61
CA VAL D 117 -54.14 -2.96 30.99
C VAL D 117 -53.79 -1.74 31.83
N GLU D 118 -54.22 -1.77 33.08
CA GLU D 118 -53.99 -0.71 34.07
C GLU D 118 -55.16 -0.71 35.05
N SER E 14 -26.99 16.22 -17.77
CA SER E 14 -27.40 14.92 -18.35
C SER E 14 -26.55 14.58 -19.59
N SER E 15 -27.02 14.94 -20.78
CA SER E 15 -26.28 14.67 -22.01
C SER E 15 -25.03 15.55 -22.06
N HIS E 16 -25.09 16.68 -21.35
CA HIS E 16 -23.95 17.58 -21.30
C HIS E 16 -22.92 17.06 -20.30
N ARG E 17 -23.39 16.35 -19.26
CA ARG E 17 -22.49 15.75 -18.28
C ARG E 17 -21.70 14.63 -18.96
N LEU E 18 -22.41 13.72 -19.64
CA LEU E 18 -21.78 12.60 -20.34
C LEU E 18 -20.75 13.05 -21.37
N ALA E 19 -21.07 14.15 -22.05
CA ALA E 19 -20.17 14.69 -23.06
C ALA E 19 -18.85 15.06 -22.39
N LEU E 20 -18.96 15.66 -21.21
CA LEU E 20 -17.80 16.09 -20.41
C LEU E 20 -16.98 14.89 -19.94
N TYR E 21 -17.65 13.93 -19.29
CA TYR E 21 -17.03 12.72 -18.78
C TYR E 21 -16.21 12.05 -19.86
N ARG E 22 -16.80 11.97 -21.05
CA ARG E 22 -16.16 11.37 -22.22
C ARG E 22 -14.90 12.15 -22.59
N ASN E 23 -15.01 13.48 -22.63
CA ASN E 23 -13.86 14.30 -22.97
C ASN E 23 -12.78 14.23 -21.90
N GLN E 24 -13.19 14.22 -20.63
CA GLN E 24 -12.25 14.14 -19.50
C GLN E 24 -11.57 12.79 -19.45
N ALA E 25 -12.36 11.74 -19.64
CA ALA E 25 -11.83 10.38 -19.63
C ALA E 25 -10.80 10.13 -20.73
N LYS E 26 -11.06 10.67 -21.91
CA LYS E 26 -10.16 10.50 -23.05
C LYS E 26 -8.78 11.02 -22.66
N SER E 27 -8.76 12.23 -22.11
CA SER E 27 -7.53 12.89 -21.68
C SER E 27 -6.80 12.10 -20.59
N LEU E 28 -7.59 11.57 -19.64
CA LEU E 28 -7.06 10.79 -18.52
C LEU E 28 -6.40 9.52 -19.01
N LEU E 29 -7.05 8.87 -19.96
CA LEU E 29 -6.56 7.61 -20.53
C LEU E 29 -5.30 7.82 -21.37
N THR E 30 -5.21 8.98 -22.00
CA THR E 30 -4.07 9.29 -22.84
C THR E 30 -2.83 9.73 -22.10
N HIS E 31 -2.98 10.82 -21.34
CA HIS E 31 -1.85 11.36 -20.60
C HIS E 31 -1.70 10.68 -19.25
N GLY E 32 -2.74 9.92 -18.91
CA GLY E 32 -2.72 9.19 -17.65
C GLY E 32 -3.08 10.01 -16.42
N ARG E 33 -3.37 11.28 -16.63
CA ARG E 33 -3.72 12.19 -15.53
C ARG E 33 -4.60 13.33 -16.00
N ILE E 34 -5.40 13.86 -15.08
CA ILE E 34 -6.34 14.94 -15.34
C ILE E 34 -6.49 15.78 -14.08
N THR E 35 -6.81 17.05 -14.22
CA THR E 35 -7.03 17.90 -13.06
C THR E 35 -8.33 18.71 -13.21
N THR E 36 -9.18 18.65 -12.19
CA THR E 36 -10.45 19.37 -12.18
C THR E 36 -10.89 19.73 -10.76
N THR E 37 -12.16 20.05 -10.59
CA THR E 37 -12.67 20.41 -9.27
C THR E 37 -12.92 19.11 -8.51
N VAL E 38 -13.08 19.22 -7.20
CA VAL E 38 -13.33 18.06 -6.39
C VAL E 38 -14.55 17.26 -6.85
N PRO E 39 -15.69 17.95 -7.08
CA PRO E 39 -16.91 17.27 -7.52
C PRO E 39 -16.75 16.56 -8.87
N LYS E 40 -16.26 17.30 -9.87
CA LYS E 40 -16.07 16.75 -11.21
C LYS E 40 -15.13 15.55 -11.16
N ALA E 41 -14.19 15.57 -10.22
CA ALA E 41 -13.21 14.50 -10.05
C ALA E 41 -13.87 13.22 -9.54
N LYS E 42 -14.81 13.39 -8.62
CA LYS E 42 -15.52 12.26 -8.04
C LYS E 42 -16.41 11.62 -9.11
N GLU E 43 -17.10 12.45 -9.87
CA GLU E 43 -17.98 11.96 -10.93
C GLU E 43 -17.21 11.23 -12.02
N LEU E 44 -16.03 11.73 -12.34
CA LEU E 44 -15.16 11.13 -13.35
C LEU E 44 -14.65 9.77 -12.88
N ARG E 45 -14.09 9.74 -11.67
CA ARG E 45 -13.56 8.52 -11.10
C ARG E 45 -14.62 7.39 -11.20
N GLY E 46 -15.88 7.72 -11.00
CA GLY E 46 -16.94 6.72 -11.10
C GLY E 46 -17.21 6.29 -12.53
N PHE E 47 -17.14 7.25 -13.45
CA PHE E 47 -17.37 6.97 -14.87
C PHE E 47 -16.28 6.06 -15.45
N VAL E 48 -15.04 6.36 -15.10
CA VAL E 48 -13.90 5.58 -15.56
C VAL E 48 -13.91 4.16 -14.98
N ASP E 49 -14.14 4.05 -13.68
CA ASP E 49 -14.16 2.75 -13.02
C ASP E 49 -15.22 1.86 -13.66
N HIS E 50 -16.29 2.50 -14.12
CA HIS E 50 -17.36 1.76 -14.77
C HIS E 50 -16.93 1.27 -16.16
N LEU E 51 -16.10 2.07 -16.82
CA LEU E 51 -15.61 1.69 -18.13
C LEU E 51 -14.60 0.58 -18.04
N ILE E 52 -13.74 0.64 -17.03
CA ILE E 52 -12.72 -0.39 -16.85
C ILE E 52 -13.35 -1.72 -16.48
N HIS E 53 -14.47 -1.66 -15.75
CA HIS E 53 -15.17 -2.87 -15.35
C HIS E 53 -15.61 -3.63 -16.60
N LEU E 54 -16.18 -2.90 -17.56
CA LEU E 54 -16.66 -3.51 -18.80
C LEU E 54 -15.52 -4.01 -19.69
N ALA E 55 -14.41 -3.29 -19.65
CA ALA E 55 -13.23 -3.68 -20.42
C ALA E 55 -12.67 -4.98 -19.83
N LYS E 56 -12.84 -5.15 -18.51
CA LYS E 56 -12.34 -6.37 -17.88
C LYS E 56 -13.27 -7.52 -18.23
N ARG E 57 -14.57 -7.23 -18.29
CA ARG E 57 -15.58 -8.22 -18.65
C ARG E 57 -15.32 -8.57 -20.12
N GLY E 58 -14.66 -7.63 -20.80
CA GLY E 58 -14.27 -7.76 -22.20
C GLY E 58 -15.01 -8.67 -23.18
N ASP E 59 -16.27 -8.37 -23.46
CA ASP E 59 -16.98 -9.20 -24.41
C ASP E 59 -17.63 -8.37 -25.51
N LEU E 60 -18.24 -9.07 -26.44
CA LEU E 60 -18.92 -8.49 -27.58
C LEU E 60 -19.82 -7.30 -27.21
N HIS E 61 -20.66 -7.52 -26.20
CA HIS E 61 -21.61 -6.52 -25.71
C HIS E 61 -20.94 -5.37 -24.95
N ALA E 62 -19.95 -5.69 -24.13
CA ALA E 62 -19.25 -4.69 -23.35
C ALA E 62 -18.56 -3.71 -24.29
N ARG E 63 -17.84 -4.24 -25.28
CA ARG E 63 -17.14 -3.38 -26.22
C ARG E 63 -18.10 -2.49 -26.98
N ARG E 64 -19.35 -2.93 -27.13
CA ARG E 64 -20.36 -2.14 -27.82
C ARG E 64 -20.78 -0.93 -27.00
N LEU E 65 -21.14 -1.17 -25.75
CA LEU E 65 -21.58 -0.08 -24.86
C LEU E 65 -20.46 0.89 -24.51
N VAL E 66 -19.22 0.40 -24.44
CA VAL E 66 -18.10 1.28 -24.12
C VAL E 66 -17.87 2.27 -25.26
N LEU E 67 -18.02 1.79 -26.50
CA LEU E 67 -17.85 2.62 -27.70
C LEU E 67 -19.00 3.63 -27.81
N ARG E 68 -20.22 3.20 -27.48
CA ARG E 68 -21.38 4.10 -27.56
C ARG E 68 -21.20 5.25 -26.56
N ASP E 69 -20.50 4.99 -25.46
CA ASP E 69 -20.25 6.03 -24.45
C ASP E 69 -18.97 6.81 -24.76
N LEU E 70 -17.93 6.12 -25.19
CA LEU E 70 -16.68 6.77 -25.55
C LEU E 70 -16.62 6.76 -27.07
N GLN E 71 -16.82 7.92 -27.71
CA GLN E 71 -16.81 7.97 -29.17
C GLN E 71 -15.41 7.93 -29.74
N ASP E 72 -14.64 6.93 -29.33
CA ASP E 72 -13.27 6.78 -29.82
C ASP E 72 -12.77 5.33 -29.88
N VAL E 73 -12.46 4.87 -31.10
CA VAL E 73 -11.98 3.50 -31.35
C VAL E 73 -10.61 3.23 -30.69
N LYS E 74 -9.63 4.07 -31.00
CA LYS E 74 -8.27 3.91 -30.46
C LYS E 74 -8.28 3.71 -28.95
N LEU E 75 -9.16 4.44 -28.26
CA LEU E 75 -9.23 4.34 -26.81
C LEU E 75 -9.94 3.09 -26.33
N VAL E 76 -11.07 2.74 -26.96
CA VAL E 76 -11.77 1.52 -26.56
C VAL E 76 -10.82 0.36 -26.80
N ARG E 77 -9.97 0.48 -27.82
CA ARG E 77 -8.99 -0.55 -28.13
C ARG E 77 -7.98 -0.60 -26.99
N LYS E 78 -7.40 0.56 -26.64
CA LYS E 78 -6.42 0.65 -25.54
C LYS E 78 -6.96 0.04 -24.26
N LEU E 79 -8.19 0.39 -23.91
CA LEU E 79 -8.85 -0.12 -22.71
C LEU E 79 -8.79 -1.64 -22.62
N PHE E 80 -9.34 -2.30 -23.64
CA PHE E 80 -9.39 -3.75 -23.67
C PHE E 80 -8.07 -4.49 -23.71
N ASP E 81 -7.18 -4.07 -24.60
CA ASP E 81 -5.90 -4.73 -24.78
C ASP E 81 -4.73 -4.16 -23.97
N GLU E 82 -4.98 -3.08 -23.23
CA GLU E 82 -3.90 -2.45 -22.45
C GLU E 82 -4.24 -2.20 -20.98
N ILE E 83 -5.24 -1.35 -20.74
CA ILE E 83 -5.64 -0.98 -19.39
C ILE E 83 -6.29 -2.12 -18.61
N ALA E 84 -7.22 -2.82 -19.25
CA ALA E 84 -7.91 -3.92 -18.61
C ALA E 84 -6.99 -5.03 -18.10
N PRO E 85 -6.07 -5.53 -18.95
CA PRO E 85 -5.17 -6.59 -18.49
C PRO E 85 -4.45 -6.20 -17.20
N ARG E 86 -4.02 -4.94 -17.15
CA ARG E 86 -3.29 -4.41 -16.01
C ARG E 86 -4.08 -4.46 -14.70
N TYR E 87 -5.41 -4.46 -14.77
CA TYR E 87 -6.20 -4.50 -13.55
C TYR E 87 -6.99 -5.78 -13.40
N ARG E 88 -6.48 -6.84 -14.02
CA ARG E 88 -7.12 -8.15 -13.95
C ARG E 88 -6.99 -8.63 -12.51
N ASP E 89 -6.09 -7.98 -11.78
CA ASP E 89 -5.85 -8.33 -10.38
C ASP E 89 -6.72 -7.50 -9.44
N ARG E 90 -6.81 -6.20 -9.71
CA ARG E 90 -7.60 -5.22 -8.94
C ARG E 90 -9.09 -5.45 -9.17
N GLN E 91 -9.92 -5.15 -8.18
CA GLN E 91 -11.36 -5.30 -8.36
C GLN E 91 -12.04 -3.99 -7.96
N GLY E 92 -11.53 -2.89 -8.49
CA GLY E 92 -12.10 -1.60 -8.20
C GLY E 92 -11.01 -0.61 -7.85
N GLY E 93 -11.40 0.64 -7.65
CA GLY E 93 -10.45 1.68 -7.28
C GLY E 93 -9.23 1.70 -8.18
N TYR E 94 -9.48 1.65 -9.48
CA TYR E 94 -8.42 1.66 -10.49
C TYR E 94 -7.92 3.08 -10.67
N THR E 95 -8.72 4.06 -10.25
CA THR E 95 -8.33 5.44 -10.39
C THR E 95 -8.19 6.17 -9.06
N ARG E 96 -7.12 6.95 -8.96
CA ARG E 96 -6.78 7.71 -7.76
C ARG E 96 -7.08 9.19 -7.85
N VAL E 97 -7.65 9.72 -6.77
CA VAL E 97 -7.98 11.14 -6.66
C VAL E 97 -7.16 11.80 -5.55
N LEU E 98 -6.36 12.82 -5.90
CA LEU E 98 -5.58 13.50 -4.88
C LEU E 98 -5.88 14.98 -4.80
N LYS E 99 -6.46 15.40 -3.67
CA LYS E 99 -6.81 16.80 -3.50
C LYS E 99 -5.56 17.67 -3.39
N LEU E 100 -5.62 18.81 -4.07
CA LEU E 100 -4.51 19.76 -4.08
C LEU E 100 -4.72 20.89 -3.11
N ALA E 101 -3.62 21.55 -2.75
CA ALA E 101 -3.67 22.69 -1.83
C ALA E 101 -4.17 23.91 -2.57
N GLU E 102 -3.77 24.04 -3.81
CA GLU E 102 -4.17 25.17 -4.63
C GLU E 102 -5.58 25.02 -5.21
N ARG E 103 -6.22 26.17 -5.47
CA ARG E 103 -7.57 26.25 -6.07
C ARG E 103 -7.52 27.15 -7.30
N ARG E 104 -8.62 27.28 -8.04
CA ARG E 104 -8.58 28.14 -9.22
C ARG E 104 -8.71 29.59 -8.82
N ARG E 105 -7.73 30.40 -9.22
CA ARG E 105 -7.74 31.82 -8.90
C ARG E 105 -9.04 32.45 -9.40
N GLY E 106 -9.67 31.78 -10.36
CA GLY E 106 -10.94 32.26 -10.90
C GLY E 106 -12.00 32.37 -9.83
N ASP E 107 -12.68 31.26 -9.53
CA ASP E 107 -13.73 31.25 -8.50
C ASP E 107 -13.28 30.69 -7.15
N GLY E 108 -12.02 30.29 -7.05
CA GLY E 108 -11.51 29.76 -5.80
C GLY E 108 -12.15 28.42 -5.52
N ALA E 109 -11.81 27.44 -6.35
CA ALA E 109 -12.37 26.11 -6.21
C ALA E 109 -11.32 25.09 -5.83
N PRO E 110 -11.63 24.22 -4.85
CA PRO E 110 -10.68 23.19 -4.42
C PRO E 110 -10.42 22.23 -5.57
N LEU E 111 -9.17 22.19 -6.01
CA LEU E 111 -8.79 21.32 -7.10
C LEU E 111 -8.34 19.94 -6.67
N ALA E 112 -8.39 19.00 -7.61
CA ALA E 112 -7.99 17.61 -7.35
C ALA E 112 -7.36 16.99 -8.59
N LEU E 113 -6.35 16.17 -8.36
CA LEU E 113 -5.66 15.49 -9.46
C LEU E 113 -6.17 14.05 -9.58
N VAL E 114 -6.62 13.67 -10.77
CA VAL E 114 -7.11 12.32 -10.96
C VAL E 114 -6.18 11.59 -11.92
N GLU E 115 -5.86 10.35 -11.58
CA GLU E 115 -5.01 9.54 -12.43
C GLU E 115 -5.23 8.06 -12.15
N LEU E 116 -4.66 7.23 -13.01
CA LEU E 116 -4.80 5.79 -12.88
C LEU E 116 -3.81 5.24 -11.87
N VAL E 117 -4.30 4.44 -10.92
CA VAL E 117 -3.45 3.87 -9.89
C VAL E 117 -2.47 2.85 -10.49
N GLU E 118 -1.28 2.80 -9.90
CA GLU E 118 -0.22 1.90 -10.35
C GLU E 118 1.10 2.44 -9.85
N SER F 14 -27.15 -5.59 -37.32
CA SER F 14 -26.60 -4.53 -36.43
C SER F 14 -27.72 -3.86 -35.62
N SER F 15 -28.25 -2.75 -36.13
CA SER F 15 -29.33 -2.04 -35.44
C SER F 15 -30.61 -2.88 -35.53
N HIS F 16 -30.66 -3.79 -36.53
CA HIS F 16 -31.80 -4.68 -36.76
C HIS F 16 -31.76 -5.78 -35.68
N ARG F 17 -30.54 -6.20 -35.36
CA ARG F 17 -30.28 -7.24 -34.36
C ARG F 17 -30.73 -6.76 -32.99
N LEU F 18 -30.19 -5.61 -32.58
CA LEU F 18 -30.51 -5.02 -31.28
C LEU F 18 -32.00 -4.77 -31.06
N ALA F 19 -32.71 -4.38 -32.12
CA ALA F 19 -34.14 -4.13 -32.04
C ALA F 19 -34.86 -5.43 -31.71
N LEU F 20 -34.35 -6.52 -32.29
CA LEU F 20 -34.89 -7.88 -32.09
C LEU F 20 -34.64 -8.30 -30.63
N TYR F 21 -33.37 -8.28 -30.25
CA TYR F 21 -32.96 -8.63 -28.89
C TYR F 21 -33.85 -7.91 -27.87
N ARG F 22 -34.03 -6.61 -28.08
CA ARG F 22 -34.85 -5.79 -27.20
C ARG F 22 -36.27 -6.33 -27.11
N ASN F 23 -36.84 -6.64 -28.27
CA ASN F 23 -38.20 -7.17 -28.40
C ASN F 23 -38.30 -8.51 -27.68
N GLN F 24 -37.33 -9.39 -27.94
CA GLN F 24 -37.27 -10.73 -27.35
C GLN F 24 -37.09 -10.67 -25.84
N ALA F 25 -36.15 -9.85 -25.39
CA ALA F 25 -35.87 -9.72 -23.96
C ALA F 25 -37.08 -9.19 -23.20
N LYS F 26 -37.82 -8.28 -23.80
CA LYS F 26 -39.01 -7.72 -23.18
C LYS F 26 -39.97 -8.86 -22.81
N SER F 27 -40.32 -9.66 -23.80
CA SER F 27 -41.23 -10.78 -23.61
C SER F 27 -40.70 -11.82 -22.65
N LEU F 28 -39.39 -12.06 -22.69
CA LEU F 28 -38.78 -13.05 -21.80
C LEU F 28 -38.85 -12.58 -20.35
N LEU F 29 -38.63 -11.30 -20.11
CA LEU F 29 -38.68 -10.74 -18.77
C LEU F 29 -40.11 -10.67 -18.25
N THR F 30 -41.08 -10.53 -19.15
CA THR F 30 -42.47 -10.45 -18.71
C THR F 30 -43.10 -11.82 -18.45
N HIS F 31 -43.01 -12.72 -19.42
CA HIS F 31 -43.59 -14.05 -19.26
C HIS F 31 -42.66 -15.07 -18.63
N GLY F 32 -41.38 -14.73 -18.48
CA GLY F 32 -40.41 -15.65 -17.88
C GLY F 32 -39.84 -16.68 -18.83
N ARG F 33 -40.36 -16.72 -20.06
CA ARG F 33 -39.92 -17.68 -21.06
C ARG F 33 -40.22 -17.18 -22.48
N ILE F 34 -39.45 -17.66 -23.45
CA ILE F 34 -39.65 -17.30 -24.85
C ILE F 34 -39.12 -18.44 -25.72
N THR F 35 -39.65 -18.57 -26.93
CA THR F 35 -39.21 -19.62 -27.84
C THR F 35 -38.85 -19.02 -29.20
N THR F 36 -37.68 -19.41 -29.71
CA THR F 36 -37.19 -18.93 -30.99
C THR F 36 -36.38 -20.06 -31.62
N THR F 37 -35.65 -19.73 -32.68
CA THR F 37 -34.80 -20.71 -33.34
C THR F 37 -33.60 -20.92 -32.43
N VAL F 38 -32.84 -21.96 -32.70
CA VAL F 38 -31.65 -22.26 -31.91
C VAL F 38 -30.68 -21.08 -31.91
N PRO F 39 -30.39 -20.55 -33.10
CA PRO F 39 -29.47 -19.41 -33.22
C PRO F 39 -29.93 -18.19 -32.43
N LYS F 40 -31.15 -17.74 -32.70
CA LYS F 40 -31.71 -16.57 -32.04
C LYS F 40 -31.72 -16.75 -30.53
N ALA F 41 -31.86 -18.00 -30.08
CA ALA F 41 -31.88 -18.32 -28.66
C ALA F 41 -30.52 -18.13 -28.00
N LYS F 42 -29.46 -18.52 -28.70
CA LYS F 42 -28.12 -18.37 -28.13
C LYS F 42 -27.75 -16.90 -28.07
N GLU F 43 -28.11 -16.15 -29.10
CA GLU F 43 -27.81 -14.73 -29.18
C GLU F 43 -28.54 -14.00 -28.05
N LEU F 44 -29.75 -14.45 -27.78
CA LEU F 44 -30.61 -13.88 -26.73
C LEU F 44 -29.99 -14.12 -25.37
N ARG F 45 -29.67 -15.38 -25.09
CA ARG F 45 -29.07 -15.76 -23.82
C ARG F 45 -27.85 -14.90 -23.48
N GLY F 46 -27.06 -14.54 -24.50
CA GLY F 46 -25.89 -13.74 -24.24
C GLY F 46 -26.28 -12.30 -23.93
N PHE F 47 -27.31 -11.82 -24.62
CA PHE F 47 -27.82 -10.46 -24.45
C PHE F 47 -28.35 -10.25 -23.02
N VAL F 48 -29.20 -11.16 -22.58
CA VAL F 48 -29.79 -11.11 -21.25
C VAL F 48 -28.75 -11.28 -20.12
N ASP F 49 -27.86 -12.25 -20.26
CA ASP F 49 -26.83 -12.47 -19.24
C ASP F 49 -26.04 -11.18 -19.09
N HIS F 50 -25.91 -10.45 -20.21
CA HIS F 50 -25.18 -9.19 -20.24
C HIS F 50 -25.91 -8.13 -19.42
N LEU F 51 -27.23 -8.09 -19.58
CA LEU F 51 -28.06 -7.14 -18.87
C LEU F 51 -28.09 -7.43 -17.38
N ILE F 52 -28.16 -8.71 -17.05
CA ILE F 52 -28.19 -9.15 -15.67
C ILE F 52 -26.90 -8.79 -14.96
N HIS F 53 -25.80 -8.91 -15.69
CA HIS F 53 -24.51 -8.60 -15.10
C HIS F 53 -24.49 -7.14 -14.65
N LEU F 54 -25.00 -6.24 -15.50
CA LEU F 54 -25.06 -4.80 -15.22
C LEU F 54 -25.95 -4.51 -14.04
N ALA F 55 -27.09 -5.20 -14.01
CA ALA F 55 -28.03 -4.99 -12.94
C ALA F 55 -27.45 -5.46 -11.62
N LYS F 56 -26.53 -6.43 -11.69
CA LYS F 56 -25.86 -6.95 -10.50
C LYS F 56 -24.88 -5.92 -10.01
N ARG F 57 -24.18 -5.28 -10.94
CA ARG F 57 -23.22 -4.23 -10.58
C ARG F 57 -24.03 -3.03 -10.08
N GLY F 58 -25.30 -2.99 -10.48
CA GLY F 58 -26.24 -1.95 -10.09
C GLY F 58 -25.81 -0.56 -9.67
N ASP F 59 -25.40 0.27 -10.63
CA ASP F 59 -25.00 1.63 -10.31
C ASP F 59 -25.60 2.63 -11.29
N LEU F 60 -25.32 3.91 -11.05
CA LEU F 60 -25.78 5.04 -11.84
C LEU F 60 -25.62 4.85 -13.34
N HIS F 61 -24.42 4.44 -13.74
CA HIS F 61 -24.08 4.22 -15.13
C HIS F 61 -24.68 2.93 -15.70
N ALA F 62 -24.73 1.87 -14.89
CA ALA F 62 -25.28 0.60 -15.34
C ALA F 62 -26.76 0.77 -15.67
N ARG F 63 -27.50 1.40 -14.77
CA ARG F 63 -28.92 1.62 -14.97
C ARG F 63 -29.21 2.45 -16.21
N ARG F 64 -28.25 3.29 -16.60
CA ARG F 64 -28.39 4.13 -17.78
C ARG F 64 -28.28 3.31 -19.06
N LEU F 65 -27.24 2.49 -19.13
CA LEU F 65 -26.98 1.63 -20.27
C LEU F 65 -28.04 0.55 -20.44
N VAL F 66 -28.58 0.04 -19.34
CA VAL F 66 -29.61 -0.99 -19.41
C VAL F 66 -30.90 -0.42 -20.01
N LEU F 67 -31.23 0.82 -19.64
CA LEU F 67 -32.43 1.49 -20.14
C LEU F 67 -32.25 1.82 -21.63
N ARG F 68 -31.05 2.24 -22.00
CA ARG F 68 -30.73 2.58 -23.38
C ARG F 68 -30.95 1.36 -24.28
N ASP F 69 -30.64 0.18 -23.75
CA ASP F 69 -30.81 -1.08 -24.49
C ASP F 69 -32.22 -1.64 -24.36
N LEU F 70 -32.79 -1.58 -23.15
CA LEU F 70 -34.15 -2.03 -22.93
C LEU F 70 -35.02 -0.78 -22.78
N GLN F 71 -35.81 -0.46 -23.80
CA GLN F 71 -36.66 0.74 -23.77
C GLN F 71 -37.91 0.52 -22.94
N ASP F 72 -37.74 -0.11 -21.78
CA ASP F 72 -38.86 -0.37 -20.90
C ASP F 72 -38.47 -0.14 -19.44
N VAL F 73 -39.04 0.91 -18.85
CA VAL F 73 -38.78 1.30 -17.47
C VAL F 73 -39.14 0.19 -16.47
N LYS F 74 -40.39 -0.24 -16.52
CA LYS F 74 -40.92 -1.26 -15.63
C LYS F 74 -40.03 -2.49 -15.57
N LEU F 75 -39.45 -2.85 -16.72
CA LEU F 75 -38.57 -4.01 -16.82
C LEU F 75 -37.21 -3.76 -16.23
N VAL F 76 -36.64 -2.61 -16.59
CA VAL F 76 -35.33 -2.21 -16.08
C VAL F 76 -35.43 -2.16 -14.56
N ARG F 77 -36.59 -1.74 -14.09
CA ARG F 77 -36.88 -1.64 -12.66
C ARG F 77 -36.84 -3.05 -12.08
N LYS F 78 -37.65 -3.92 -12.68
CA LYS F 78 -37.75 -5.31 -12.26
C LYS F 78 -36.39 -5.98 -12.17
N LEU F 79 -35.61 -5.84 -13.23
CA LEU F 79 -34.29 -6.45 -13.28
C LEU F 79 -33.42 -6.05 -12.07
N PHE F 80 -33.30 -4.75 -11.82
CA PHE F 80 -32.49 -4.24 -10.72
C PHE F 80 -32.92 -4.62 -9.30
N ASP F 81 -34.19 -4.40 -8.95
CA ASP F 81 -34.62 -4.74 -7.59
C ASP F 81 -35.34 -6.07 -7.42
N GLU F 82 -35.39 -6.89 -8.48
CA GLU F 82 -36.04 -8.20 -8.41
C GLU F 82 -35.18 -9.37 -8.92
N ILE F 83 -34.90 -9.35 -10.23
CA ILE F 83 -34.11 -10.41 -10.87
C ILE F 83 -32.66 -10.44 -10.40
N ALA F 84 -32.03 -9.27 -10.35
CA ALA F 84 -30.64 -9.14 -9.93
C ALA F 84 -30.34 -9.69 -8.54
N PRO F 85 -31.09 -9.25 -7.51
CA PRO F 85 -30.84 -9.77 -6.16
C PRO F 85 -30.85 -11.31 -6.14
N ARG F 86 -31.77 -11.88 -6.89
CA ARG F 86 -31.94 -13.32 -6.98
C ARG F 86 -30.72 -14.09 -7.50
N TYR F 87 -29.90 -13.43 -8.31
CA TYR F 87 -28.71 -14.09 -8.85
C TYR F 87 -27.41 -13.53 -8.29
N ARG F 88 -27.48 -12.94 -7.09
CA ARG F 88 -26.33 -12.37 -6.41
C ARG F 88 -25.38 -13.49 -6.03
N ASP F 89 -25.94 -14.69 -5.97
CA ASP F 89 -25.18 -15.89 -5.64
C ASP F 89 -24.55 -16.50 -6.89
N ARG F 90 -25.30 -16.55 -7.99
CA ARG F 90 -24.83 -17.11 -9.26
C ARG F 90 -23.84 -16.16 -9.91
N GLN F 91 -22.91 -16.73 -10.70
CA GLN F 91 -21.90 -15.94 -11.39
C GLN F 91 -21.94 -16.21 -12.90
N GLY F 92 -23.13 -16.24 -13.46
CA GLY F 92 -23.28 -16.50 -14.88
C GLY F 92 -24.37 -17.53 -15.13
N GLY F 93 -24.67 -17.76 -16.39
CA GLY F 93 -25.70 -18.73 -16.75
C GLY F 93 -27.02 -18.51 -16.01
N TYR F 94 -27.51 -17.29 -16.03
CA TYR F 94 -28.75 -16.97 -15.36
C TYR F 94 -29.89 -17.37 -16.28
N THR F 95 -29.58 -17.58 -17.56
CA THR F 95 -30.59 -17.93 -18.54
C THR F 95 -30.34 -19.32 -19.09
N ARG F 96 -31.41 -20.11 -19.13
CA ARG F 96 -31.37 -21.49 -19.58
C ARG F 96 -31.96 -21.65 -20.99
N VAL F 97 -31.27 -22.41 -21.85
CA VAL F 97 -31.72 -22.65 -23.23
C VAL F 97 -31.96 -24.15 -23.43
N LEU F 98 -33.19 -24.54 -23.77
CA LEU F 98 -33.52 -25.95 -23.99
C LEU F 98 -34.00 -26.23 -25.40
N LYS F 99 -33.19 -26.98 -26.15
CA LYS F 99 -33.49 -27.32 -27.53
C LYS F 99 -34.68 -28.27 -27.59
N LEU F 100 -35.61 -27.98 -28.49
CA LEU F 100 -36.79 -28.81 -28.62
C LEU F 100 -36.75 -29.72 -29.83
N ALA F 101 -37.65 -30.69 -29.83
CA ALA F 101 -37.79 -31.65 -30.91
C ALA F 101 -38.66 -31.09 -32.03
N GLU F 102 -39.53 -30.14 -31.73
CA GLU F 102 -40.36 -29.55 -32.79
C GLU F 102 -39.53 -28.55 -33.60
N ARG F 103 -40.03 -28.20 -34.78
CA ARG F 103 -39.34 -27.25 -35.65
C ARG F 103 -40.32 -26.16 -36.09
N ARG F 104 -39.77 -25.11 -36.69
CA ARG F 104 -40.57 -23.99 -37.19
C ARG F 104 -41.36 -24.43 -38.42
N ARG F 105 -42.69 -24.43 -38.33
CA ARG F 105 -43.50 -24.82 -39.47
C ARG F 105 -43.47 -23.73 -40.55
N GLY F 106 -42.47 -23.87 -41.41
CA GLY F 106 -42.22 -22.97 -42.51
C GLY F 106 -40.98 -23.51 -43.18
N ASP F 107 -39.80 -23.22 -42.61
CA ASP F 107 -38.55 -23.71 -43.18
C ASP F 107 -37.99 -24.86 -42.35
N GLY F 108 -38.69 -25.18 -41.27
CA GLY F 108 -38.23 -26.25 -40.41
C GLY F 108 -36.96 -25.85 -39.69
N ALA F 109 -36.99 -24.70 -39.04
CA ALA F 109 -35.83 -24.24 -38.30
C ALA F 109 -35.87 -24.93 -36.94
N PRO F 110 -34.71 -25.35 -36.42
CA PRO F 110 -34.67 -26.03 -35.11
C PRO F 110 -35.02 -25.05 -33.97
N LEU F 111 -36.05 -25.36 -33.19
CA LEU F 111 -36.50 -24.50 -32.10
C LEU F 111 -35.84 -24.73 -30.75
N ALA F 112 -35.87 -23.69 -29.92
CA ALA F 112 -35.28 -23.73 -28.58
C ALA F 112 -36.08 -22.86 -27.60
N LEU F 113 -36.21 -23.34 -26.38
CA LEU F 113 -36.95 -22.64 -25.34
C LEU F 113 -35.97 -21.89 -24.44
N VAL F 114 -36.17 -20.59 -24.30
CA VAL F 114 -35.30 -19.75 -23.47
C VAL F 114 -36.05 -19.29 -22.23
N GLU F 115 -35.43 -19.40 -21.06
CA GLU F 115 -36.06 -18.97 -19.82
C GLU F 115 -35.03 -18.74 -18.72
N LEU F 116 -35.44 -18.06 -17.66
CA LEU F 116 -34.51 -17.79 -16.59
C LEU F 116 -34.38 -19.01 -15.69
N VAL F 117 -33.14 -19.32 -15.31
CA VAL F 117 -32.87 -20.46 -14.46
C VAL F 117 -33.34 -20.17 -13.03
N GLU F 118 -33.80 -21.23 -12.38
CA GLU F 118 -34.29 -21.19 -11.00
C GLU F 118 -35.28 -22.34 -10.84
N SER G 14 21.11 7.47 6.07
CA SER G 14 22.37 7.29 5.28
C SER G 14 22.16 6.28 4.16
N SER G 15 22.55 5.03 4.42
CA SER G 15 22.38 3.94 3.45
C SER G 15 20.87 3.61 3.32
N HIS G 16 20.14 3.93 4.38
CA HIS G 16 18.68 3.75 4.48
C HIS G 16 18.05 4.73 3.49
N ARG G 17 18.57 5.95 3.51
CA ARG G 17 18.13 7.06 2.68
C ARG G 17 18.30 6.75 1.21
N LEU G 18 19.54 6.46 0.85
CA LEU G 18 19.88 6.15 -0.54
C LEU G 18 19.05 5.01 -1.11
N ALA G 19 18.77 4.00 -0.30
CA ALA G 19 17.98 2.88 -0.78
C ALA G 19 16.56 3.34 -1.12
N LEU G 20 16.05 4.30 -0.36
CA LEU G 20 14.71 4.87 -0.55
C LEU G 20 14.72 5.69 -1.84
N TYR G 21 15.65 6.63 -1.88
CA TYR G 21 15.85 7.51 -3.04
C TYR G 21 15.80 6.68 -4.33
N ARG G 22 16.59 5.61 -4.32
CA ARG G 22 16.72 4.67 -5.43
C ARG G 22 15.36 4.11 -5.82
N ASN G 23 14.65 3.65 -4.79
CA ASN G 23 13.32 3.06 -4.96
C ASN G 23 12.32 4.08 -5.51
N GLN G 24 12.34 5.28 -4.93
CA GLN G 24 11.43 6.35 -5.35
C GLN G 24 11.75 6.84 -6.76
N ALA G 25 13.04 7.02 -7.03
CA ALA G 25 13.46 7.48 -8.34
C ALA G 25 13.06 6.48 -9.43
N LYS G 26 13.18 5.19 -9.14
CA LYS G 26 12.85 4.17 -10.13
C LYS G 26 11.39 4.34 -10.57
N SER G 27 10.49 4.46 -9.58
CA SER G 27 9.05 4.64 -9.82
C SER G 27 8.74 5.96 -10.55
N LEU G 28 9.50 7.00 -10.21
CA LEU G 28 9.34 8.33 -10.81
C LEU G 28 9.69 8.31 -12.30
N LEU G 29 10.79 7.65 -12.63
CA LEU G 29 11.24 7.55 -14.02
C LEU G 29 10.37 6.60 -14.86
N THR G 30 9.73 5.67 -14.19
CA THR G 30 8.83 4.68 -14.80
C THR G 30 7.45 5.25 -15.15
N HIS G 31 6.68 5.60 -14.11
CA HIS G 31 5.32 6.14 -14.27
C HIS G 31 5.37 7.63 -14.48
N GLY G 32 6.50 8.21 -14.11
CA GLY G 32 6.65 9.64 -14.25
C GLY G 32 6.22 10.47 -13.04
N ARG G 33 5.74 9.81 -11.99
CA ARG G 33 5.31 10.52 -10.79
C ARG G 33 5.36 9.63 -9.54
N ILE G 34 5.47 10.29 -8.39
CA ILE G 34 5.52 9.61 -7.11
C ILE G 34 4.92 10.54 -6.05
N THR G 35 4.45 9.96 -4.96
CA THR G 35 3.88 10.76 -3.88
C THR G 35 4.47 10.32 -2.55
N THR G 36 4.89 11.30 -1.75
CA THR G 36 5.46 11.03 -0.43
C THR G 36 5.18 12.19 0.50
N THR G 37 5.89 12.21 1.63
CA THR G 37 5.73 13.27 2.60
C THR G 37 6.41 14.50 2.00
N VAL G 38 6.04 15.68 2.48
CA VAL G 38 6.62 16.93 1.97
C VAL G 38 8.15 16.94 2.11
N PRO G 39 8.66 16.59 3.31
CA PRO G 39 10.10 16.58 3.49
C PRO G 39 10.81 15.59 2.56
N LYS G 40 10.38 14.34 2.56
CA LYS G 40 11.00 13.32 1.71
C LYS G 40 10.96 13.74 0.26
N ALA G 41 9.93 14.49 -0.11
CA ALA G 41 9.79 14.95 -1.49
C ALA G 41 10.87 15.99 -1.82
N LYS G 42 11.16 16.87 -0.87
CA LYS G 42 12.19 17.88 -1.07
C LYS G 42 13.54 17.22 -1.22
N GLU G 43 13.83 16.27 -0.33
CA GLU G 43 15.10 15.56 -0.35
C GLU G 43 15.30 14.79 -1.65
N LEU G 44 14.20 14.23 -2.14
CA LEU G 44 14.20 13.45 -3.36
C LEU G 44 14.49 14.32 -4.59
N ARG G 45 13.77 15.43 -4.72
CA ARG G 45 13.97 16.33 -5.86
C ARG G 45 15.43 16.79 -5.97
N GLY G 46 16.08 16.99 -4.84
CA GLY G 46 17.47 17.41 -4.87
C GLY G 46 18.35 16.26 -5.31
N PHE G 47 18.00 15.04 -4.91
CA PHE G 47 18.76 13.85 -5.26
C PHE G 47 18.68 13.58 -6.76
N VAL G 48 17.48 13.65 -7.31
CA VAL G 48 17.26 13.43 -8.73
C VAL G 48 17.89 14.52 -9.60
N ASP G 49 17.70 15.77 -9.20
CA ASP G 49 18.27 16.89 -9.93
C ASP G 49 19.81 16.69 -10.03
N HIS G 50 20.39 16.13 -8.97
CA HIS G 50 21.83 15.85 -8.92
C HIS G 50 22.22 14.77 -9.92
N LEU G 51 21.37 13.76 -10.05
CA LEU G 51 21.62 12.64 -10.96
C LEU G 51 21.52 13.07 -12.41
N ILE G 52 20.50 13.87 -12.70
CA ILE G 52 20.31 14.34 -14.05
C ILE G 52 21.44 15.28 -14.47
N HIS G 53 21.96 16.03 -13.51
CA HIS G 53 23.06 16.94 -13.80
C HIS G 53 24.25 16.16 -14.34
N LEU G 54 24.55 15.05 -13.69
CA LEU G 54 25.69 14.21 -14.06
C LEU G 54 25.41 13.50 -15.37
N ALA G 55 24.14 13.18 -15.57
CA ALA G 55 23.71 12.51 -16.79
C ALA G 55 23.91 13.47 -17.97
N LYS G 56 23.74 14.75 -17.70
CA LYS G 56 23.90 15.80 -18.70
C LYS G 56 25.38 15.96 -19.03
N ARG G 57 26.20 15.88 -17.98
CA ARG G 57 27.65 16.00 -18.13
C ARG G 57 28.11 14.77 -18.91
N GLY G 58 27.30 13.72 -18.82
CA GLY G 58 27.54 12.47 -19.51
C GLY G 58 28.95 12.03 -19.84
N ASP G 59 29.78 11.82 -18.81
CA ASP G 59 31.15 11.38 -19.05
C ASP G 59 31.48 10.08 -18.31
N LEU G 60 32.63 9.50 -18.60
CA LEU G 60 32.97 8.25 -17.94
C LEU G 60 32.99 8.33 -16.43
N HIS G 61 33.38 9.46 -15.85
CA HIS G 61 33.41 9.59 -14.40
C HIS G 61 32.01 9.81 -13.82
N ALA G 62 31.17 10.56 -14.53
CA ALA G 62 29.82 10.81 -14.04
C ALA G 62 29.03 9.49 -14.06
N ARG G 63 29.17 8.73 -15.13
CA ARG G 63 28.47 7.44 -15.26
C ARG G 63 28.87 6.49 -14.13
N ARG G 64 30.09 6.64 -13.64
CA ARG G 64 30.60 5.82 -12.55
C ARG G 64 29.93 6.15 -11.22
N LEU G 65 29.92 7.43 -10.88
CA LEU G 65 29.31 7.87 -9.64
C LEU G 65 27.80 7.68 -9.63
N VAL G 66 27.17 7.77 -10.79
CA VAL G 66 25.72 7.59 -10.91
C VAL G 66 25.36 6.16 -10.55
N LEU G 67 26.13 5.21 -11.08
CA LEU G 67 25.86 3.80 -10.80
C LEU G 67 26.20 3.44 -9.36
N ARG G 68 27.22 4.07 -8.79
CA ARG G 68 27.58 3.77 -7.41
C ARG G 68 26.44 4.22 -6.48
N ASP G 69 25.72 5.26 -6.89
CA ASP G 69 24.59 5.78 -6.11
C ASP G 69 23.32 5.00 -6.44
N LEU G 70 23.06 4.81 -7.73
CA LEU G 70 21.90 4.05 -8.17
C LEU G 70 22.43 2.69 -8.56
N GLN G 71 22.08 1.65 -7.80
CA GLN G 71 22.58 0.31 -8.11
C GLN G 71 21.71 -0.42 -9.17
N ASP G 72 21.52 0.21 -10.33
CA ASP G 72 20.74 -0.33 -11.45
C ASP G 72 21.26 0.14 -12.81
N VAL G 73 21.77 -0.78 -13.61
CA VAL G 73 22.31 -0.46 -14.94
C VAL G 73 21.24 0.03 -15.92
N LYS G 74 20.23 -0.78 -16.14
CA LYS G 74 19.14 -0.42 -17.06
C LYS G 74 18.69 1.04 -16.87
N LEU G 75 18.64 1.48 -15.62
CA LEU G 75 18.23 2.85 -15.32
C LEU G 75 19.30 3.87 -15.61
N VAL G 76 20.54 3.58 -15.18
CA VAL G 76 21.63 4.51 -15.41
C VAL G 76 21.76 4.67 -16.93
N ARG G 77 21.45 3.59 -17.66
CA ARG G 77 21.49 3.63 -19.12
C ARG G 77 20.38 4.56 -19.64
N LYS G 78 19.15 4.34 -19.16
CA LYS G 78 18.00 5.16 -19.56
C LYS G 78 18.31 6.64 -19.34
N LEU G 79 18.83 6.96 -18.16
CA LEU G 79 19.19 8.33 -17.80
C LEU G 79 20.03 9.01 -18.86
N PHE G 80 21.21 8.44 -19.11
CA PHE G 80 22.16 8.97 -20.07
C PHE G 80 21.70 9.07 -21.53
N ASP G 81 21.13 7.98 -22.06
CA ASP G 81 20.72 7.94 -23.46
C ASP G 81 19.25 8.30 -23.72
N GLU G 82 18.50 8.64 -22.67
CA GLU G 82 17.09 8.96 -22.83
C GLU G 82 16.57 10.20 -22.09
N ILE G 83 16.67 10.18 -20.77
CA ILE G 83 16.20 11.29 -19.95
C ILE G 83 17.07 12.53 -20.12
N ALA G 84 18.38 12.35 -20.07
CA ALA G 84 19.32 13.47 -20.20
C ALA G 84 19.15 14.27 -21.50
N PRO G 85 19.13 13.60 -22.67
CA PRO G 85 18.96 14.30 -23.95
C PRO G 85 17.75 15.24 -23.88
N ARG G 86 16.70 14.71 -23.28
CA ARG G 86 15.40 15.38 -23.08
C ARG G 86 15.52 16.74 -22.35
N TYR G 87 16.48 16.84 -21.43
CA TYR G 87 16.70 18.06 -20.64
C TYR G 87 17.95 18.85 -20.99
N ARG G 88 18.46 18.67 -22.21
CA ARG G 88 19.68 19.37 -22.61
C ARG G 88 19.35 20.84 -22.87
N ASP G 89 18.06 21.12 -23.06
CA ASP G 89 17.59 22.48 -23.29
C ASP G 89 17.45 23.21 -21.94
N ARG G 90 16.88 22.53 -20.96
CA ARG G 90 16.66 23.06 -19.61
C ARG G 90 17.98 23.15 -18.85
N GLN G 91 18.08 24.11 -17.94
CA GLN G 91 19.29 24.26 -17.15
C GLN G 91 18.91 24.25 -15.65
N GLY G 92 18.13 23.25 -15.26
CA GLY G 92 17.72 23.12 -13.87
C GLY G 92 16.23 22.89 -13.75
N GLY G 93 15.78 22.64 -12.51
CA GLY G 93 14.37 22.42 -12.25
C GLY G 93 13.75 21.38 -13.15
N TYR G 94 14.33 20.19 -13.14
CA TYR G 94 13.83 19.11 -13.97
C TYR G 94 12.62 18.42 -13.32
N THR G 95 12.56 18.46 -12.00
CA THR G 95 11.48 17.82 -11.26
C THR G 95 10.59 18.83 -10.55
N ARG G 96 9.28 18.62 -10.64
CA ARG G 96 8.32 19.51 -9.97
C ARG G 96 7.66 18.86 -8.77
N VAL G 97 7.48 19.64 -7.72
CA VAL G 97 6.88 19.15 -6.50
C VAL G 97 5.61 19.94 -6.22
N LEU G 98 4.49 19.24 -6.06
CA LEU G 98 3.20 19.86 -5.83
C LEU G 98 2.61 19.47 -4.48
N LYS G 99 2.57 20.39 -3.51
CA LYS G 99 2.00 20.01 -2.23
C LYS G 99 0.49 19.80 -2.37
N LEU G 100 0.02 18.77 -1.67
CA LEU G 100 -1.38 18.40 -1.70
C LEU G 100 -2.09 18.75 -0.42
N ALA G 101 -3.41 18.63 -0.47
CA ALA G 101 -4.22 18.88 0.69
C ALA G 101 -4.64 17.49 1.21
N GLU G 102 -3.78 16.49 1.00
CA GLU G 102 -4.03 15.14 1.47
C GLU G 102 -2.94 14.73 2.46
N ARG G 103 -3.35 14.07 3.54
CA ARG G 103 -2.42 13.59 4.55
C ARG G 103 -2.41 12.05 4.52
N ARG G 104 -1.25 11.48 4.83
CA ARG G 104 -1.03 10.04 4.82
C ARG G 104 -1.66 9.22 5.95
N ARG G 105 -2.54 8.31 5.58
CA ARG G 105 -3.20 7.47 6.56
C ARG G 105 -2.18 6.71 7.38
N GLY G 106 -2.40 6.70 8.69
CA GLY G 106 -1.48 6.03 9.59
C GLY G 106 -0.86 7.03 10.55
N ASP G 107 -0.07 7.94 10.00
CA ASP G 107 0.61 8.95 10.79
C ASP G 107 0.10 10.36 10.55
N GLY G 108 -0.51 10.58 9.39
CA GLY G 108 -1.02 11.90 9.09
C GLY G 108 -0.06 12.84 8.38
N ALA G 109 1.14 12.35 8.06
CA ALA G 109 2.15 13.15 7.38
C ALA G 109 1.59 13.85 6.15
N PRO G 110 1.70 15.19 6.08
CA PRO G 110 1.18 15.89 4.91
C PRO G 110 1.88 15.38 3.67
N LEU G 111 1.21 15.44 2.53
CA LEU G 111 1.80 14.92 1.33
C LEU G 111 2.11 15.89 0.22
N ALA G 112 2.90 15.37 -0.72
CA ALA G 112 3.38 16.10 -1.87
C ALA G 112 3.56 15.18 -3.08
N LEU G 113 3.19 15.68 -4.25
CA LEU G 113 3.32 14.90 -5.47
C LEU G 113 4.58 15.35 -6.22
N VAL G 114 5.45 14.39 -6.56
CA VAL G 114 6.67 14.70 -7.31
C VAL G 114 6.59 14.09 -8.70
N GLU G 115 7.00 14.85 -9.70
CA GLU G 115 6.99 14.37 -11.07
C GLU G 115 7.94 15.20 -11.93
N LEU G 116 8.24 14.69 -13.13
CA LEU G 116 9.13 15.38 -14.05
C LEU G 116 8.39 16.50 -14.76
N VAL G 117 9.00 17.68 -14.78
CA VAL G 117 8.42 18.86 -15.40
C VAL G 117 8.42 18.66 -16.91
N GLU G 118 7.39 19.18 -17.57
CA GLU G 118 7.19 19.08 -19.02
C GLU G 118 5.71 19.22 -19.28
N SER H 14 41.05 0.24 -14.07
CA SER H 14 39.80 0.64 -13.37
C SER H 14 40.05 1.08 -11.93
N SER H 15 40.06 0.13 -11.00
CA SER H 15 40.28 0.43 -9.59
C SER H 15 41.70 0.93 -9.38
N HIS H 16 42.59 0.53 -10.30
CA HIS H 16 43.99 0.95 -10.24
C HIS H 16 44.15 2.36 -10.80
N ARG H 17 43.31 2.69 -11.78
CA ARG H 17 43.31 4.03 -12.38
C ARG H 17 42.93 4.98 -11.26
N LEU H 18 41.70 4.77 -10.77
CA LEU H 18 41.11 5.54 -9.67
C LEU H 18 42.13 5.81 -8.57
N ALA H 19 42.83 4.74 -8.19
CA ALA H 19 43.85 4.81 -7.16
C ALA H 19 44.97 5.76 -7.58
N LEU H 20 45.34 5.69 -8.85
CA LEU H 20 46.40 6.57 -9.35
C LEU H 20 45.91 7.98 -9.21
N TYR H 21 44.84 8.28 -9.94
CA TYR H 21 44.21 9.60 -9.97
C TYR H 21 44.15 10.36 -8.63
N ARG H 22 43.51 9.79 -7.60
CA ARG H 22 43.41 10.50 -6.32
C ARG H 22 44.78 10.68 -5.64
N ASN H 23 45.74 9.84 -5.99
CA ASN H 23 47.10 9.96 -5.44
C ASN H 23 47.65 11.24 -6.08
N GLN H 24 47.49 11.30 -7.41
CA GLN H 24 47.95 12.41 -8.22
C GLN H 24 47.21 13.68 -7.82
N ALA H 25 45.90 13.52 -7.62
CA ALA H 25 45.05 14.63 -7.22
C ALA H 25 45.53 15.29 -5.94
N LYS H 26 45.76 14.46 -4.93
CA LYS H 26 46.20 14.95 -3.63
C LYS H 26 47.46 15.81 -3.68
N SER H 27 48.46 15.34 -4.42
CA SER H 27 49.72 16.03 -4.58
C SER H 27 49.55 17.35 -5.35
N LEU H 28 48.62 17.36 -6.29
CA LEU H 28 48.35 18.56 -7.09
C LEU H 28 47.66 19.60 -6.21
N LEU H 29 46.75 19.14 -5.35
CA LEU H 29 46.03 20.04 -4.45
C LEU H 29 46.96 20.62 -3.40
N THR H 30 47.89 19.78 -2.94
CA THR H 30 48.86 20.15 -1.93
C THR H 30 49.90 21.14 -2.44
N HIS H 31 50.61 20.73 -3.50
CA HIS H 31 51.66 21.54 -4.13
C HIS H 31 51.19 22.41 -5.30
N GLY H 32 49.97 22.15 -5.80
CA GLY H 32 49.46 22.95 -6.91
C GLY H 32 49.95 22.52 -8.27
N ARG H 33 50.86 21.54 -8.30
CA ARG H 33 51.42 21.04 -9.55
C ARG H 33 51.90 19.60 -9.41
N ILE H 34 51.96 18.90 -10.53
CA ILE H 34 52.38 17.50 -10.56
C ILE H 34 52.98 17.21 -11.94
N THR H 35 53.88 16.23 -12.03
CA THR H 35 54.49 15.88 -13.31
C THR H 35 54.47 14.36 -13.53
N THR H 36 54.04 13.96 -14.73
CA THR H 36 53.97 12.55 -15.10
C THR H 36 54.09 12.44 -16.61
N THR H 37 53.67 11.33 -17.20
CA THR H 37 53.76 11.19 -18.64
C THR H 37 52.64 11.99 -19.28
N VAL H 38 52.76 12.23 -20.59
CA VAL H 38 51.75 12.97 -21.33
C VAL H 38 50.35 12.33 -21.20
N PRO H 39 50.25 11.01 -21.42
CA PRO H 39 48.93 10.39 -21.28
C PRO H 39 48.39 10.46 -19.85
N LYS H 40 49.22 10.10 -18.87
CA LYS H 40 48.85 10.14 -17.46
C LYS H 40 48.32 11.53 -17.11
N ALA H 41 48.95 12.56 -17.69
CA ALA H 41 48.59 13.95 -17.43
C ALA H 41 47.22 14.31 -18.01
N LYS H 42 46.91 13.78 -19.19
CA LYS H 42 45.63 14.04 -19.84
C LYS H 42 44.49 13.41 -19.02
N GLU H 43 44.66 12.16 -18.62
CA GLU H 43 43.62 11.50 -17.83
C GLU H 43 43.42 12.14 -16.45
N LEU H 44 44.50 12.70 -15.90
CA LEU H 44 44.46 13.37 -14.62
C LEU H 44 43.68 14.69 -14.72
N ARG H 45 44.00 15.52 -15.70
CA ARG H 45 43.30 16.81 -15.88
C ARG H 45 41.81 16.58 -16.00
N GLY H 46 41.40 15.49 -16.64
CA GLY H 46 39.99 15.21 -16.77
C GLY H 46 39.38 14.81 -15.43
N PHE H 47 40.15 14.05 -14.65
CA PHE H 47 39.72 13.60 -13.33
C PHE H 47 39.48 14.77 -12.38
N VAL H 48 40.47 15.65 -12.27
CA VAL H 48 40.38 16.84 -11.39
C VAL H 48 39.28 17.81 -11.84
N ASP H 49 39.20 18.06 -13.14
CA ASP H 49 38.19 18.93 -13.73
C ASP H 49 36.81 18.45 -13.28
N HIS H 50 36.65 17.13 -13.26
CA HIS H 50 35.42 16.49 -12.86
C HIS H 50 35.12 16.71 -11.37
N LEU H 51 36.16 16.67 -10.55
CA LEU H 51 36.01 16.87 -9.12
C LEU H 51 35.71 18.32 -8.77
N ILE H 52 36.33 19.25 -9.49
CA ILE H 52 36.11 20.65 -9.21
C ILE H 52 34.72 21.07 -9.66
N HIS H 53 34.19 20.40 -10.68
CA HIS H 53 32.87 20.74 -11.15
C HIS H 53 31.86 20.40 -10.07
N LEU H 54 32.04 19.25 -9.42
CA LEU H 54 31.16 18.81 -8.35
C LEU H 54 31.31 19.74 -7.17
N ALA H 55 32.53 20.21 -6.94
CA ALA H 55 32.83 21.11 -5.83
C ALA H 55 32.11 22.43 -6.05
N LYS H 56 31.97 22.80 -7.31
CA LYS H 56 31.30 24.05 -7.64
C LYS H 56 29.81 23.87 -7.41
N ARG H 57 29.30 22.70 -7.78
CA ARG H 57 27.88 22.36 -7.57
C ARG H 57 27.65 22.37 -6.07
N GLY H 58 28.72 22.08 -5.34
CA GLY H 58 28.71 22.07 -3.88
C GLY H 58 27.44 21.77 -3.10
N ASP H 59 26.86 20.59 -3.30
CA ASP H 59 25.66 20.26 -2.56
C ASP H 59 25.91 19.01 -1.71
N LEU H 60 24.89 18.66 -0.95
CA LEU H 60 24.86 17.49 -0.09
C LEU H 60 25.40 16.25 -0.80
N HIS H 61 24.83 15.96 -1.98
CA HIS H 61 25.18 14.80 -2.80
C HIS H 61 26.54 14.91 -3.47
N ALA H 62 26.89 16.10 -3.93
CA ALA H 62 28.17 16.31 -4.59
C ALA H 62 29.30 16.06 -3.62
N ARG H 63 29.19 16.66 -2.43
CA ARG H 63 30.21 16.51 -1.42
C ARG H 63 30.43 15.04 -1.05
N ARG H 64 29.38 14.23 -1.15
CA ARG H 64 29.52 12.82 -0.82
C ARG H 64 30.31 12.05 -1.88
N LEU H 65 29.95 12.27 -3.15
CA LEU H 65 30.62 11.60 -4.26
C LEU H 65 32.08 12.03 -4.39
N VAL H 66 32.36 13.28 -4.02
CA VAL H 66 33.73 13.81 -4.08
C VAL H 66 34.62 13.12 -3.06
N LEU H 67 34.07 12.89 -1.87
CA LEU H 67 34.83 12.22 -0.82
C LEU H 67 35.01 10.74 -1.13
N ARG H 68 33.99 10.13 -1.72
CA ARG H 68 34.05 8.73 -2.08
C ARG H 68 35.18 8.50 -3.08
N ASP H 69 35.42 9.50 -3.92
CA ASP H 69 36.47 9.42 -4.92
C ASP H 69 37.80 9.92 -4.36
N LEU H 70 37.78 11.03 -3.67
CA LEU H 70 38.99 11.56 -3.06
C LEU H 70 38.89 11.14 -1.59
N GLN H 71 39.72 10.20 -1.15
CA GLN H 71 39.65 9.74 0.23
C GLN H 71 40.35 10.65 1.24
N ASP H 72 40.23 11.95 1.08
CA ASP H 72 40.85 12.87 2.02
C ASP H 72 39.90 14.04 2.30
N VAL H 73 39.51 14.17 3.55
CA VAL H 73 38.58 15.21 3.94
C VAL H 73 39.17 16.62 3.82
N LYS H 74 40.38 16.86 4.33
CA LYS H 74 41.00 18.18 4.25
C LYS H 74 40.97 18.74 2.83
N LEU H 75 41.17 17.86 1.86
CA LEU H 75 41.16 18.26 0.45
C LEU H 75 39.75 18.47 -0.07
N VAL H 76 38.85 17.54 0.23
CA VAL H 76 37.46 17.67 -0.19
C VAL H 76 36.95 19.00 0.33
N ARG H 77 37.39 19.36 1.54
CA ARG H 77 36.96 20.62 2.15
C ARG H 77 37.57 21.79 1.39
N LYS H 78 38.86 21.70 1.11
CA LYS H 78 39.57 22.74 0.36
C LYS H 78 38.86 23.00 -0.97
N LEU H 79 38.56 21.93 -1.70
CA LEU H 79 37.87 22.04 -2.98
C LEU H 79 36.61 22.87 -2.91
N PHE H 80 35.72 22.46 -2.02
CA PHE H 80 34.43 23.13 -1.86
C PHE H 80 34.44 24.58 -1.42
N ASP H 81 35.20 24.88 -0.39
CA ASP H 81 35.21 26.23 0.14
C ASP H 81 36.39 27.10 -0.29
N GLU H 82 37.26 26.57 -1.15
CA GLU H 82 38.42 27.32 -1.61
C GLU H 82 38.63 27.36 -3.13
N ILE H 83 38.83 26.18 -3.71
CA ILE H 83 39.06 26.06 -5.15
C ILE H 83 37.81 26.29 -5.99
N ALA H 84 36.68 25.73 -5.57
CA ALA H 84 35.41 25.87 -6.31
C ALA H 84 35.00 27.34 -6.46
N PRO H 85 34.95 28.09 -5.35
CA PRO H 85 34.55 29.50 -5.44
C PRO H 85 35.37 30.26 -6.48
N ARG H 86 36.66 29.93 -6.56
CA ARG H 86 37.58 30.56 -7.50
C ARG H 86 37.22 30.37 -8.96
N TYR H 87 36.52 29.27 -9.28
CA TYR H 87 36.17 29.02 -10.67
C TYR H 87 34.67 29.09 -10.96
N ARG H 88 33.97 29.92 -10.20
CA ARG H 88 32.54 30.13 -10.37
C ARG H 88 32.28 30.89 -11.68
N ASP H 89 33.29 31.60 -12.20
CA ASP H 89 33.18 32.36 -13.46
C ASP H 89 33.47 31.50 -14.68
N ARG H 90 34.46 30.60 -14.57
CA ARG H 90 34.80 29.71 -15.67
C ARG H 90 33.75 28.58 -15.72
N GLN H 91 33.62 27.96 -16.89
CA GLN H 91 32.67 26.86 -17.06
C GLN H 91 33.37 25.64 -17.65
N GLY H 92 34.50 25.26 -17.05
CA GLY H 92 35.26 24.11 -17.55
C GLY H 92 36.74 24.46 -17.60
N GLY H 93 37.56 23.48 -17.96
CA GLY H 93 39.00 23.68 -18.05
C GLY H 93 39.71 24.33 -16.87
N TYR H 94 39.67 23.68 -15.71
CA TYR H 94 40.29 24.21 -14.49
C TYR H 94 41.73 23.72 -14.29
N THR H 95 42.10 22.65 -15.00
CA THR H 95 43.46 22.12 -14.90
C THR H 95 44.20 22.26 -16.23
N ARG H 96 45.43 22.73 -16.15
CA ARG H 96 46.28 22.96 -17.31
C ARG H 96 47.38 21.90 -17.44
N VAL H 97 47.62 21.45 -18.67
CA VAL H 97 48.64 20.45 -18.92
C VAL H 97 49.66 21.00 -19.93
N LEU H 98 50.93 21.03 -19.53
CA LEU H 98 51.97 21.55 -20.40
C LEU H 98 53.03 20.50 -20.74
N LYS H 99 53.11 20.09 -22.01
CA LYS H 99 54.09 19.11 -22.47
C LYS H 99 55.49 19.66 -22.29
N LEU H 100 56.40 18.83 -21.80
CA LEU H 100 57.79 19.22 -21.60
C LEU H 100 58.73 18.60 -22.62
N ALA H 101 59.99 19.01 -22.60
CA ALA H 101 61.01 18.51 -23.50
C ALA H 101 61.58 17.19 -22.98
N GLU H 102 61.55 17.05 -21.66
CA GLU H 102 62.05 15.85 -21.00
C GLU H 102 61.45 14.55 -21.57
N ARG H 103 62.25 13.49 -21.50
CA ARG H 103 61.86 12.15 -21.98
C ARG H 103 62.25 11.15 -20.90
N ARG H 104 61.32 10.90 -19.96
CA ARG H 104 61.52 9.98 -18.84
C ARG H 104 62.54 8.88 -19.08
N ARG H 105 63.68 8.98 -18.43
CA ARG H 105 64.73 7.98 -18.57
C ARG H 105 64.16 6.57 -18.27
N GLY H 106 64.06 5.79 -19.35
CA GLY H 106 63.54 4.43 -19.28
C GLY H 106 62.92 4.15 -20.63
N ASP H 107 62.03 5.04 -21.04
CA ASP H 107 61.35 4.95 -22.32
C ASP H 107 61.31 6.34 -22.94
N GLY H 108 61.95 7.29 -22.27
CA GLY H 108 61.96 8.65 -22.76
C GLY H 108 60.52 9.14 -22.84
N ALA H 109 59.73 8.69 -21.86
CA ALA H 109 58.31 9.03 -21.79
C ALA H 109 58.04 10.51 -22.02
N PRO H 110 57.00 10.83 -22.81
CA PRO H 110 56.67 12.24 -23.09
C PRO H 110 56.21 12.93 -21.80
N LEU H 111 57.13 13.56 -21.08
CA LEU H 111 56.75 14.22 -19.84
C LEU H 111 55.79 15.39 -20.03
N ALA H 112 54.96 15.62 -19.01
CA ALA H 112 53.97 16.70 -19.04
C ALA H 112 53.75 17.26 -17.63
N LEU H 113 53.63 18.58 -17.51
CA LEU H 113 53.38 19.20 -16.21
C LEU H 113 51.89 19.54 -16.06
N VAL H 114 51.28 19.05 -14.98
CA VAL H 114 49.86 19.30 -14.70
C VAL H 114 49.71 20.25 -13.51
N GLU H 115 48.86 21.26 -13.65
CA GLU H 115 48.65 22.22 -12.57
C GLU H 115 47.30 22.92 -12.75
N LEU H 116 46.84 23.58 -11.69
CA LEU H 116 45.57 24.29 -11.76
C LEU H 116 45.73 25.64 -12.47
N VAL H 117 44.78 25.92 -13.37
CA VAL H 117 44.79 27.17 -14.13
C VAL H 117 44.49 28.33 -13.21
N GLU H 118 45.12 29.47 -13.50
CA GLU H 118 44.95 30.67 -12.70
C GLU H 118 46.13 31.58 -13.02
N SER I 14 57.92 4.96 19.36
CA SER I 14 57.51 3.62 18.83
C SER I 14 56.53 2.95 19.78
N SER I 15 56.99 1.92 20.49
CA SER I 15 56.15 1.22 21.44
C SER I 15 55.65 2.19 22.51
N HIS I 16 56.28 3.37 22.55
CA HIS I 16 55.95 4.42 23.50
C HIS I 16 54.86 5.30 22.91
N ARG I 17 54.76 5.25 21.58
CA ARG I 17 53.74 6.02 20.89
C ARG I 17 52.43 5.24 20.94
N LEU I 18 52.54 3.95 20.60
CA LEU I 18 51.38 3.07 20.58
C LEU I 18 50.71 3.02 21.94
N ALA I 19 51.54 2.96 22.99
CA ALA I 19 51.02 2.91 24.34
C ALA I 19 50.22 4.17 24.63
N LEU I 20 50.69 5.30 24.11
CA LEU I 20 49.99 6.55 24.33
C LEU I 20 48.69 6.56 23.55
N TYR I 21 48.75 6.23 22.26
CA TYR I 21 47.54 6.21 21.42
C TYR I 21 46.49 5.31 22.05
N ARG I 22 46.90 4.16 22.54
CA ARG I 22 45.96 3.24 23.16
C ARG I 22 45.29 3.90 24.36
N ASN I 23 46.08 4.60 25.16
CA ASN I 23 45.55 5.27 26.33
C ASN I 23 44.63 6.42 25.91
N GLN I 24 45.08 7.18 24.92
CA GLN I 24 44.28 8.31 24.44
C GLN I 24 43.00 7.77 23.80
N ALA I 25 43.13 6.74 22.97
CA ALA I 25 41.99 6.12 22.28
C ALA I 25 40.86 5.65 23.19
N LYS I 26 41.20 5.02 24.31
CA LYS I 26 40.21 4.53 25.26
C LYS I 26 39.41 5.66 25.90
N SER I 27 40.10 6.71 26.31
CA SER I 27 39.45 7.87 26.94
C SER I 27 38.58 8.62 25.93
N LEU I 28 39.01 8.67 24.67
CA LEU I 28 38.30 9.35 23.60
C LEU I 28 36.99 8.66 23.25
N LEU I 29 37.02 7.32 23.27
CA LEU I 29 35.83 6.53 22.95
C LEU I 29 34.84 6.46 24.10
N THR I 30 35.36 6.61 25.31
CA THR I 30 34.55 6.57 26.53
C THR I 30 33.85 7.91 26.82
N HIS I 31 34.62 8.99 26.92
CA HIS I 31 34.06 10.31 27.22
C HIS I 31 33.57 11.02 25.96
N GLY I 32 34.28 10.82 24.86
CA GLY I 32 33.89 11.48 23.63
C GLY I 32 34.86 12.55 23.18
N ARG I 33 35.78 12.96 24.06
CA ARG I 33 36.78 13.96 23.72
C ARG I 33 38.02 13.87 24.59
N ILE I 34 39.11 14.45 24.09
CA ILE I 34 40.39 14.43 24.76
C ILE I 34 41.17 15.67 24.35
N THR I 35 42.14 16.05 25.17
CA THR I 35 42.96 17.21 24.88
C THR I 35 44.45 16.89 25.04
N THR I 36 45.27 17.26 24.05
CA THR I 36 46.72 17.03 24.09
C THR I 36 47.47 18.04 23.21
N THR I 37 48.70 17.73 22.84
CA THR I 37 49.50 18.63 22.00
C THR I 37 49.00 18.52 20.58
N VAL I 38 49.29 19.51 19.76
CA VAL I 38 48.83 19.48 18.38
C VAL I 38 49.38 18.26 17.63
N PRO I 39 50.69 17.96 17.77
CA PRO I 39 51.24 16.80 17.06
C PRO I 39 50.59 15.50 17.50
N LYS I 40 50.54 15.28 18.82
CA LYS I 40 49.96 14.09 19.39
C LYS I 40 48.49 13.95 18.97
N ALA I 41 47.81 15.08 18.78
CA ALA I 41 46.40 15.06 18.37
C ALA I 41 46.26 14.59 16.92
N LYS I 42 47.18 15.04 16.07
CA LYS I 42 47.16 14.63 14.66
C LYS I 42 47.39 13.12 14.52
N GLU I 43 48.38 12.61 15.26
CA GLU I 43 48.73 11.19 15.24
C GLU I 43 47.58 10.34 15.75
N LEU I 44 46.87 10.85 16.75
CA LEU I 44 45.74 10.14 17.33
C LEU I 44 44.56 10.08 16.36
N ARG I 45 44.22 11.22 15.74
CA ARG I 45 43.11 11.28 14.79
C ARG I 45 43.25 10.20 13.74
N GLY I 46 44.48 10.01 13.28
CA GLY I 46 44.72 9.01 12.27
C GLY I 46 44.56 7.59 12.80
N PHE I 47 45.00 7.39 14.05
CA PHE I 47 44.94 6.09 14.72
C PHE I 47 43.47 5.65 14.87
N VAL I 48 42.65 6.55 15.40
CA VAL I 48 41.23 6.28 15.60
C VAL I 48 40.44 6.13 14.31
N ASP I 49 40.70 6.99 13.34
CA ASP I 49 40.01 6.92 12.05
C ASP I 49 40.26 5.54 11.48
N HIS I 50 41.47 5.03 11.71
CA HIS I 50 41.84 3.72 11.21
C HIS I 50 41.08 2.59 11.91
N LEU I 51 40.84 2.75 13.20
CA LEU I 51 40.14 1.73 13.94
C LEU I 51 38.63 1.74 13.62
N ILE I 52 38.06 2.91 13.38
CA ILE I 52 36.64 2.98 13.04
C ILE I 52 36.42 2.40 11.66
N HIS I 53 37.41 2.57 10.79
CA HIS I 53 37.34 2.03 9.44
C HIS I 53 37.13 0.53 9.49
N LEU I 54 37.93 -0.13 10.32
CA LEU I 54 37.84 -1.58 10.47
C LEU I 54 36.56 -1.98 11.15
N ALA I 55 36.10 -1.16 12.09
CA ALA I 55 34.86 -1.41 12.82
C ALA I 55 33.69 -1.31 11.85
N LYS I 56 33.85 -0.49 10.81
CA LYS I 56 32.84 -0.33 9.77
C LYS I 56 32.84 -1.58 8.89
N ARG I 57 34.05 -2.07 8.59
CA ARG I 57 34.22 -3.27 7.77
C ARG I 57 33.66 -4.45 8.57
N GLY I 58 33.64 -4.26 9.89
CA GLY I 58 33.12 -5.22 10.85
C GLY I 58 33.05 -6.71 10.54
N ASP I 59 34.19 -7.35 10.38
CA ASP I 59 34.19 -8.77 10.09
C ASP I 59 35.17 -9.50 11.00
N LEU I 60 35.22 -10.82 10.85
CA LEU I 60 36.11 -11.67 11.63
C LEU I 60 37.56 -11.12 11.63
N HIS I 61 38.09 -10.80 10.46
CA HIS I 61 39.46 -10.29 10.35
C HIS I 61 39.64 -8.85 10.81
N ALA I 62 38.64 -8.00 10.61
CA ALA I 62 38.76 -6.61 11.05
C ALA I 62 38.81 -6.57 12.57
N ARG I 63 37.93 -7.34 13.20
CA ARG I 63 37.88 -7.38 14.65
C ARG I 63 39.19 -7.86 15.24
N ARG I 64 39.91 -8.67 14.47
CA ARG I 64 41.18 -9.20 14.94
C ARG I 64 42.25 -8.12 14.91
N LEU I 65 42.32 -7.41 13.79
CA LEU I 65 43.31 -6.35 13.61
C LEU I 65 43.08 -5.20 14.58
N VAL I 66 41.81 -4.92 14.85
CA VAL I 66 41.49 -3.83 15.75
C VAL I 66 41.95 -4.13 17.16
N LEU I 67 41.77 -5.37 17.61
CA LEU I 67 42.18 -5.73 18.96
C LEU I 67 43.70 -5.80 19.06
N ARG I 68 44.34 -6.23 17.99
CA ARG I 68 45.79 -6.29 17.92
C ARG I 68 46.39 -4.88 18.10
N ASP I 69 45.67 -3.89 17.56
CA ASP I 69 46.06 -2.48 17.62
C ASP I 69 45.64 -1.86 18.96
N LEU I 70 44.39 -2.10 19.35
CA LEU I 70 43.90 -1.58 20.62
C LEU I 70 43.82 -2.78 21.57
N GLN I 71 44.67 -2.82 22.58
CA GLN I 71 44.66 -3.96 23.49
C GLN I 71 43.61 -3.95 24.61
N ASP I 72 42.34 -4.08 24.22
CA ASP I 72 41.23 -4.13 25.16
C ASP I 72 39.98 -4.63 24.45
N VAL I 73 39.43 -5.73 24.95
CA VAL I 73 38.24 -6.28 24.31
C VAL I 73 36.97 -5.46 24.50
N LYS I 74 36.71 -4.97 25.71
CA LYS I 74 35.51 -4.16 25.95
C LYS I 74 35.42 -3.01 24.94
N LEU I 75 36.58 -2.48 24.57
CA LEU I 75 36.69 -1.39 23.61
C LEU I 75 36.42 -1.86 22.19
N VAL I 76 37.13 -2.90 21.78
CA VAL I 76 36.97 -3.45 20.45
C VAL I 76 35.50 -3.81 20.26
N ARG I 77 34.88 -4.24 21.34
CA ARG I 77 33.48 -4.60 21.33
C ARG I 77 32.65 -3.36 21.10
N LYS I 78 32.88 -2.32 21.90
CA LYS I 78 32.15 -1.06 21.76
C LYS I 78 32.24 -0.50 20.34
N LEU I 79 33.46 -0.49 19.79
CA LEU I 79 33.69 0.01 18.43
C LEU I 79 32.78 -0.64 17.41
N PHE I 80 32.81 -1.98 17.36
CA PHE I 80 32.01 -2.74 16.41
C PHE I 80 30.49 -2.65 16.56
N ASP I 81 29.97 -2.85 17.78
CA ASP I 81 28.53 -2.80 17.99
C ASP I 81 27.94 -1.46 18.44
N GLU I 82 28.77 -0.44 18.62
CA GLU I 82 28.23 0.86 19.02
C GLU I 82 28.73 2.04 18.20
N ILE I 83 30.04 2.26 18.16
CA ILE I 83 30.62 3.37 17.41
C ILE I 83 30.52 3.23 15.90
N ALA I 84 30.82 2.04 15.39
CA ALA I 84 30.77 1.78 13.95
C ALA I 84 29.38 2.01 13.35
N PRO I 85 28.32 1.42 13.96
CA PRO I 85 26.98 1.62 13.41
C PRO I 85 26.63 3.10 13.28
N ARG I 86 27.03 3.90 14.27
CA ARG I 86 26.73 5.33 14.23
C ARG I 86 27.39 6.09 13.07
N TYR I 87 28.47 5.56 12.53
CA TYR I 87 29.18 6.20 11.42
C TYR I 87 29.05 5.44 10.11
N ARG I 88 28.01 4.61 10.00
CA ARG I 88 27.78 3.83 8.76
C ARG I 88 27.36 4.82 7.67
N ASP I 89 27.02 6.03 8.11
CA ASP I 89 26.61 7.11 7.25
C ASP I 89 27.84 7.76 6.62
N ARG I 90 28.79 8.10 7.48
CA ARG I 90 30.03 8.76 7.05
C ARG I 90 30.98 7.76 6.38
N GLN I 91 31.81 8.24 5.46
CA GLN I 91 32.76 7.36 4.78
C GLN I 91 34.16 7.97 4.88
N GLY I 92 34.57 8.31 6.09
CA GLY I 92 35.88 8.89 6.32
C GLY I 92 35.81 10.07 7.28
N GLY I 93 36.98 10.56 7.69
CA GLY I 93 37.05 11.68 8.62
C GLY I 93 36.14 11.58 9.84
N TYR I 94 36.34 10.55 10.66
CA TYR I 94 35.49 10.31 11.83
C TYR I 94 35.89 11.05 13.10
N THR I 95 37.15 11.49 13.16
CA THR I 95 37.68 12.20 14.31
C THR I 95 37.99 13.65 13.94
N ARG I 96 37.54 14.59 14.78
CA ARG I 96 37.76 16.01 14.55
C ARG I 96 38.79 16.60 15.51
N VAL I 97 39.72 17.40 14.97
CA VAL I 97 40.77 18.05 15.76
C VAL I 97 40.61 19.58 15.70
N LEU I 98 40.46 20.20 16.87
CA LEU I 98 40.31 21.65 16.93
C LEU I 98 41.42 22.31 17.74
N LYS I 99 42.29 23.05 17.04
CA LYS I 99 43.39 23.73 17.70
C LYS I 99 42.86 24.82 18.64
N LEU I 100 43.42 24.85 19.85
CA LEU I 100 43.02 25.80 20.86
C LEU I 100 43.90 27.03 20.93
N ALA I 101 43.30 28.07 21.50
CA ALA I 101 43.97 29.33 21.68
C ALA I 101 45.00 29.10 22.76
N GLU I 102 44.59 28.37 23.78
CA GLU I 102 45.48 28.09 24.89
C GLU I 102 46.64 27.18 24.50
N ARG I 103 47.66 27.19 25.35
CA ARG I 103 48.83 26.39 25.15
C ARG I 103 49.10 25.75 26.52
N ARG I 104 49.88 24.68 26.52
CA ARG I 104 50.22 23.95 27.75
C ARG I 104 50.92 24.86 28.76
N ARG I 105 51.47 24.24 29.80
CA ARG I 105 52.20 24.95 30.84
C ARG I 105 53.60 24.36 30.90
N GLY I 106 54.57 25.17 31.34
CA GLY I 106 55.94 24.70 31.41
C GLY I 106 56.63 24.90 30.08
N ASP I 107 55.95 24.52 29.00
CA ASP I 107 56.50 24.68 27.66
C ASP I 107 55.56 25.46 26.74
N GLY I 108 54.43 25.89 27.30
CA GLY I 108 53.42 26.65 26.55
C GLY I 108 53.09 26.08 25.19
N ALA I 109 53.33 24.78 25.03
CA ALA I 109 53.06 24.10 23.78
C ALA I 109 51.60 24.24 23.45
N PRO I 110 51.29 24.69 22.22
CA PRO I 110 49.91 24.87 21.79
C PRO I 110 49.12 23.56 21.92
N LEU I 111 47.88 23.69 22.35
CA LEU I 111 46.98 22.55 22.56
C LEU I 111 45.97 22.35 21.45
N ALA I 112 45.35 21.16 21.47
CA ALA I 112 44.35 20.77 20.48
C ALA I 112 43.29 19.85 21.12
N LEU I 113 42.04 20.06 20.76
CA LEU I 113 40.96 19.24 21.30
C LEU I 113 40.56 18.19 20.26
N VAL I 114 40.59 16.93 20.64
CA VAL I 114 40.21 15.86 19.73
C VAL I 114 38.89 15.24 20.18
N GLU I 115 38.00 14.97 19.23
CA GLU I 115 36.71 14.39 19.53
C GLU I 115 36.09 13.75 18.30
N LEU I 116 35.07 12.92 18.53
CA LEU I 116 34.36 12.21 17.48
C LEU I 116 33.43 13.15 16.74
N VAL I 117 33.52 13.18 15.42
CA VAL I 117 32.66 14.05 14.60
C VAL I 117 31.21 13.55 14.66
N GLU I 118 30.27 14.50 14.68
CA GLU I 118 28.85 14.20 14.75
C GLU I 118 28.13 15.49 15.16
#